data_7CT9
#
_entry.id   7CT9
#
_cell.length_a   182.535
_cell.length_b   50.462
_cell.length_c   104.791
_cell.angle_alpha   90.000
_cell.angle_beta   122.970
_cell.angle_gamma   90.000
#
_symmetry.space_group_name_H-M   'C 1 2 1'
#
loop_
_entity.id
_entity.type
_entity.pdbx_description
1 polymer 'tRNA U34 carboxymethyltransferase'
2 non-polymer S-ADENOSYL-L-HOMOCYSTEINE
3 non-polymer 'MALONATE ION'
4 non-polymer 'PHOSPHATE ION'
5 water water
#
_entity_poly.entity_id   1
_entity_poly.type   'polypeptide(L)'
_entity_poly.pdbx_seq_one_letter_code
;MMFNFANFYQLIAQDTRLQPWLNVLPQQLTDWQNAEHGDFPRWLKALNKIPEGAPDQIDIKHSVTISNDTPFHQGELKKL
ESLLRTFHPWRKGPYTVHGIHIDTEWRSDWKWDRVLPHISPLKNRSVLDVGCGNGYHMWRMLGEGARLCVGIDPSHLFLI
QFEAIRKLMGGDQRAHLLPLGIEQLPKLEAFDTVFSMGVLYHRRSPLDHLIQLKDQLVSGGELILETLVIEGDETAVLVP
KERYAQMRNVYFFPSARALKVWLELVGFEDVRIVDENVTSVDEQRTTNWMTHNSLPDYLDQNDPSKTVEGYPAPRRAILV
AKKPGHHHHHHG
;
_entity_poly.pdbx_strand_id   A,B
#
# COMPACT_ATOMS: atom_id res chain seq x y z
N MET A 1 -13.73 1.75 11.05
CA MET A 1 -13.26 2.60 9.95
C MET A 1 -13.91 3.99 10.05
N MET A 2 -13.19 4.94 10.64
CA MET A 2 -13.50 6.40 10.61
C MET A 2 -13.28 6.97 9.20
N PHE A 3 -12.15 6.70 8.55
CA PHE A 3 -11.84 7.28 7.20
C PHE A 3 -10.92 6.33 6.43
N ASN A 4 -11.28 6.05 5.18
CA ASN A 4 -10.60 5.01 4.37
C ASN A 4 -9.52 5.68 3.54
N PHE A 5 -8.24 5.34 3.78
CA PHE A 5 -7.09 5.95 3.08
C PHE A 5 -6.71 5.15 1.83
N ALA A 6 -7.66 4.38 1.26
CA ALA A 6 -7.47 3.59 0.03
C ALA A 6 -6.74 4.41 -1.03
N ASN A 7 -7.15 5.66 -1.26
CA ASN A 7 -6.68 6.42 -2.44
C ASN A 7 -5.23 6.80 -2.21
N PHE A 8 -4.86 7.03 -0.94
CA PHE A 8 -3.49 7.49 -0.64
C PHE A 8 -2.56 6.28 -0.81
N TYR A 9 -2.96 5.13 -0.29
CA TYR A 9 -2.17 3.88 -0.41
C TYR A 9 -1.90 3.61 -1.91
N GLN A 10 -2.92 3.81 -2.74
CA GLN A 10 -2.81 3.58 -4.21
C GLN A 10 -1.70 4.50 -4.74
N LEU A 11 -1.72 5.76 -4.33
CA LEU A 11 -0.78 6.77 -4.87
C LEU A 11 0.65 6.40 -4.46
N ILE A 12 0.88 6.09 -3.20
CA ILE A 12 2.29 5.88 -2.76
C ILE A 12 2.79 4.52 -3.27
N ALA A 13 1.88 3.57 -3.51
CA ALA A 13 2.20 2.29 -4.19
C ALA A 13 2.94 2.58 -5.51
N GLN A 14 2.48 3.59 -6.26
CA GLN A 14 2.91 3.83 -7.67
C GLN A 14 4.03 4.87 -7.73
N ASP A 15 4.64 5.20 -6.59
CA ASP A 15 5.69 6.24 -6.46
C ASP A 15 6.93 5.55 -5.87
N THR A 16 8.05 5.54 -6.59
CA THR A 16 9.23 4.73 -6.17
C THR A 16 9.80 5.28 -4.85
N ARG A 17 9.66 6.57 -4.55
CA ARG A 17 10.25 7.16 -3.32
C ARG A 17 9.30 7.07 -2.12
N LEU A 18 8.00 6.97 -2.32
CA LEU A 18 7.02 6.92 -1.20
C LEU A 18 6.58 5.48 -0.88
N GLN A 19 6.80 4.51 -1.77
CA GLN A 19 6.31 3.11 -1.60
C GLN A 19 6.86 2.53 -0.30
N PRO A 20 8.12 2.82 0.10
CA PRO A 20 8.67 2.34 1.38
C PRO A 20 7.87 2.79 2.59
N TRP A 21 7.12 3.87 2.46
CA TRP A 21 6.25 4.36 3.53
C TRP A 21 5.20 3.31 3.88
N LEU A 22 4.81 2.47 2.92
CA LEU A 22 3.82 1.39 3.13
C LEU A 22 4.31 0.38 4.17
N ASN A 23 5.60 0.42 4.52
CA ASN A 23 6.18 -0.48 5.53
C ASN A 23 5.71 -0.11 6.94
N VAL A 24 5.27 1.14 7.18
CA VAL A 24 4.87 1.53 8.56
C VAL A 24 3.52 2.25 8.60
N LEU A 25 3.12 2.96 7.54
CA LEU A 25 1.95 3.86 7.57
C LEU A 25 0.67 3.08 7.83
N PRO A 26 0.40 1.96 7.11
CA PRO A 26 -0.88 1.30 7.24
C PRO A 26 -1.18 0.87 8.68
N GLN A 27 -0.20 0.36 9.45
CA GLN A 27 -0.54 -0.05 10.84
C GLN A 27 -0.86 1.22 11.64
N GLN A 28 -0.15 2.31 11.39
CA GLN A 28 -0.37 3.57 12.13
C GLN A 28 -1.79 4.09 11.84
N LEU A 29 -2.24 4.04 10.58
CA LEU A 29 -3.61 4.49 10.24
C LEU A 29 -4.64 3.49 10.75
N THR A 30 -4.34 2.20 10.80
CA THR A 30 -5.24 1.19 11.42
C THR A 30 -5.44 1.55 12.91
N ASP A 31 -4.37 1.77 13.65
CA ASP A 31 -4.41 2.23 15.05
C ASP A 31 -5.23 3.52 15.18
N TRP A 32 -5.03 4.49 14.30
CA TRP A 32 -5.75 5.80 14.31
C TRP A 32 -7.27 5.57 14.15
N GLN A 33 -7.70 4.66 13.30
CA GLN A 33 -9.13 4.29 13.13
C GLN A 33 -9.74 3.83 14.45
N ASN A 34 -8.99 3.06 15.25
CA ASN A 34 -9.53 2.36 16.45
C ASN A 34 -9.52 3.30 17.67
N ALA A 35 -8.83 4.46 17.60
CA ALA A 35 -8.90 5.48 18.66
C ALA A 35 -10.08 6.41 18.35
N GLU A 36 -11.30 5.90 18.47
CA GLU A 36 -12.57 6.61 18.13
C GLU A 36 -12.47 8.06 18.65
N HIS A 37 -12.95 8.99 17.85
CA HIS A 37 -13.07 10.43 18.19
C HIS A 37 -14.56 10.73 18.41
N GLY A 38 -14.93 11.43 19.49
CA GLY A 38 -16.33 11.78 19.80
C GLY A 38 -17.07 12.37 18.61
N ASP A 39 -16.48 13.34 17.92
CA ASP A 39 -17.16 14.20 16.90
C ASP A 39 -17.04 13.64 15.49
N PHE A 40 -16.11 12.72 15.21
CA PHE A 40 -15.74 12.34 13.82
C PHE A 40 -16.97 11.82 13.08
N PRO A 41 -17.80 10.94 13.70
CA PRO A 41 -19.01 10.44 13.05
C PRO A 41 -19.94 11.55 12.55
N ARG A 42 -20.25 12.52 13.39
CA ARG A 42 -21.07 13.72 13.07
C ARG A 42 -20.41 14.49 11.91
N TRP A 43 -19.12 14.79 12.00
CA TRP A 43 -18.35 15.54 10.97
C TRP A 43 -18.47 14.85 9.62
N LEU A 44 -18.24 13.54 9.62
CA LEU A 44 -18.31 12.68 8.41
C LEU A 44 -19.73 12.74 7.80
N LYS A 45 -20.78 12.64 8.61
CA LYS A 45 -22.19 12.68 8.16
C LYS A 45 -22.39 14.01 7.39
N ALA A 46 -21.82 15.11 7.90
CA ALA A 46 -21.92 16.45 7.29
C ALA A 46 -21.04 16.49 6.01
N LEU A 47 -19.80 16.00 6.09
CA LEU A 47 -18.92 15.93 4.91
C LEU A 47 -19.65 15.19 3.79
N ASN A 48 -20.34 14.08 4.11
CA ASN A 48 -20.95 13.17 3.09
C ASN A 48 -22.09 13.94 2.38
N LYS A 49 -22.71 14.93 3.02
CA LYS A 49 -23.83 15.60 2.33
C LYS A 49 -23.37 16.92 1.71
N ILE A 50 -22.06 17.18 1.64
CA ILE A 50 -21.51 18.26 0.79
C ILE A 50 -21.61 17.81 -0.66
N PRO A 51 -22.07 18.68 -1.58
CA PRO A 51 -22.19 18.32 -2.99
C PRO A 51 -20.92 17.67 -3.55
N GLU A 52 -21.11 16.56 -4.27
CA GLU A 52 -20.08 15.83 -5.04
C GLU A 52 -19.97 16.49 -6.42
N GLY A 53 -18.83 16.43 -7.07
CA GLY A 53 -18.76 16.87 -8.47
C GLY A 53 -17.84 18.05 -8.63
N ALA A 54 -17.31 18.19 -9.83
CA ALA A 54 -16.27 19.16 -10.22
C ALA A 54 -16.90 20.53 -10.34
N PRO A 55 -16.25 21.60 -9.81
CA PRO A 55 -16.70 22.96 -10.07
C PRO A 55 -16.21 23.40 -11.45
N ASP A 56 -16.78 24.45 -12.02
CA ASP A 56 -16.33 24.92 -13.36
C ASP A 56 -15.03 25.70 -13.23
N GLN A 57 -14.86 26.48 -12.16
CA GLN A 57 -13.74 27.46 -12.05
C GLN A 57 -13.01 27.29 -10.72
N ILE A 58 -11.68 27.18 -10.76
CA ILE A 58 -10.81 27.05 -9.57
C ILE A 58 -9.67 28.06 -9.73
N ASP A 59 -9.56 29.00 -8.80
CA ASP A 59 -8.32 29.79 -8.64
C ASP A 59 -7.57 29.31 -7.38
N ILE A 60 -6.42 28.67 -7.55
CA ILE A 60 -5.51 28.30 -6.42
C ILE A 60 -4.16 28.99 -6.66
N LYS A 61 -4.13 29.96 -7.57
CA LYS A 61 -2.92 30.75 -7.87
C LYS A 61 -2.90 32.02 -7.00
N HIS A 62 -4.03 32.74 -6.91
CA HIS A 62 -4.11 34.09 -6.29
C HIS A 62 -4.87 34.03 -4.97
N SER A 63 -5.55 32.93 -4.71
CA SER A 63 -6.40 32.70 -3.51
C SER A 63 -6.73 31.21 -3.48
N VAL A 64 -7.70 30.81 -2.68
CA VAL A 64 -8.39 29.51 -2.87
C VAL A 64 -9.86 29.84 -3.07
N THR A 65 -10.27 29.87 -4.33
CA THR A 65 -11.62 30.28 -4.80
C THR A 65 -12.18 29.20 -5.73
N ILE A 66 -13.36 28.72 -5.42
CA ILE A 66 -14.14 27.75 -6.25
C ILE A 66 -15.45 28.43 -6.69
N SER A 67 -15.84 28.34 -7.97
CA SER A 67 -17.15 28.86 -8.47
C SER A 67 -17.65 28.04 -9.66
N ASN A 68 -18.95 28.13 -9.94
CA ASN A 68 -19.57 27.55 -11.16
C ASN A 68 -19.96 28.69 -12.14
N ASP A 69 -19.86 28.43 -13.45
CA ASP A 69 -20.29 29.35 -14.54
C ASP A 69 -21.78 29.67 -14.34
N THR A 70 -22.54 28.63 -13.95
CA THR A 70 -23.94 28.66 -13.46
C THR A 70 -23.97 29.14 -12.01
N PRO A 71 -24.61 30.28 -11.67
CA PRO A 71 -25.03 30.53 -10.29
C PRO A 71 -25.74 29.32 -9.64
N PHE A 72 -25.42 29.02 -8.37
CA PHE A 72 -25.84 27.80 -7.64
C PHE A 72 -27.28 27.98 -7.17
N HIS A 73 -28.04 26.88 -7.00
CA HIS A 73 -29.36 26.86 -6.33
C HIS A 73 -29.23 27.66 -5.01
N GLN A 74 -30.07 28.70 -4.82
CA GLN A 74 -30.15 29.54 -3.59
C GLN A 74 -30.18 28.64 -2.33
N GLY A 75 -30.99 27.56 -2.36
CA GLY A 75 -31.26 26.65 -1.24
C GLY A 75 -30.13 25.66 -0.97
N GLU A 76 -29.48 25.14 -2.02
CA GLU A 76 -28.28 24.26 -1.95
C GLU A 76 -27.10 25.05 -1.33
N LEU A 77 -26.95 26.34 -1.66
CA LEU A 77 -25.93 27.26 -1.09
C LEU A 77 -26.15 27.43 0.42
N LYS A 78 -27.40 27.59 0.86
CA LYS A 78 -27.73 27.82 2.29
C LYS A 78 -27.35 26.57 3.07
N LYS A 79 -27.62 25.37 2.50
CA LYS A 79 -27.31 24.05 3.10
C LYS A 79 -25.78 23.93 3.22
N LEU A 80 -25.05 24.18 2.10
CA LEU A 80 -23.58 24.08 2.03
C LEU A 80 -22.97 24.97 3.12
N GLU A 81 -23.37 26.23 3.21
CA GLU A 81 -22.81 27.16 4.23
C GLU A 81 -23.04 26.56 5.61
N SER A 82 -24.21 25.98 5.88
CA SER A 82 -24.53 25.38 7.19
C SER A 82 -23.63 24.18 7.47
N LEU A 83 -23.42 23.34 6.46
CA LEU A 83 -22.54 22.15 6.58
C LEU A 83 -21.12 22.62 6.94
N LEU A 84 -20.60 23.62 6.23
CA LEU A 84 -19.19 24.05 6.41
C LEU A 84 -19.03 24.64 7.79
N ARG A 85 -20.06 25.33 8.28
CA ARG A 85 -20.05 25.96 9.64
C ARG A 85 -20.06 24.87 10.72
N THR A 86 -20.51 23.65 10.42
CA THR A 86 -20.40 22.44 11.28
C THR A 86 -18.95 22.23 11.72
N PHE A 87 -17.98 22.61 10.89
CA PHE A 87 -16.54 22.28 11.07
C PHE A 87 -15.82 23.41 11.83
N HIS A 88 -16.55 24.30 12.49
CA HIS A 88 -15.99 25.32 13.43
C HIS A 88 -15.06 24.62 14.41
N PRO A 89 -13.91 25.20 14.84
CA PRO A 89 -13.36 26.47 14.32
C PRO A 89 -12.53 26.44 13.02
N TRP A 90 -12.73 27.41 12.12
CA TRP A 90 -11.94 27.57 10.88
C TRP A 90 -10.79 28.55 11.09
N ARG A 91 -9.59 27.99 11.30
CA ARG A 91 -8.41 28.74 11.77
C ARG A 91 -7.56 29.17 10.58
N LYS A 92 -7.48 28.37 9.50
CA LYS A 92 -6.52 28.60 8.41
C LYS A 92 -7.28 28.72 7.08
N GLY A 93 -6.95 29.75 6.32
CA GLY A 93 -7.60 30.14 5.06
C GLY A 93 -7.15 31.54 4.68
N PRO A 94 -8.00 32.42 4.07
CA PRO A 94 -9.43 32.14 3.89
C PRO A 94 -9.72 31.29 2.64
N TYR A 95 -10.96 30.88 2.48
CA TYR A 95 -11.52 30.16 1.32
C TYR A 95 -12.73 30.93 0.80
N THR A 96 -12.95 30.94 -0.52
CA THR A 96 -14.22 31.42 -1.13
C THR A 96 -14.81 30.30 -1.99
N VAL A 97 -15.94 29.78 -1.54
CA VAL A 97 -16.54 28.50 -1.98
C VAL A 97 -17.95 28.82 -2.51
N HIS A 98 -18.11 28.91 -3.81
CA HIS A 98 -19.41 29.27 -4.45
C HIS A 98 -19.94 30.54 -3.79
N GLY A 99 -19.08 31.55 -3.63
CA GLY A 99 -19.46 32.85 -3.05
C GLY A 99 -19.62 32.80 -1.55
N ILE A 100 -19.45 31.63 -0.90
CA ILE A 100 -19.36 31.57 0.58
C ILE A 100 -17.92 31.91 1.00
N HIS A 101 -17.74 33.01 1.71
CA HIS A 101 -16.43 33.51 2.21
C HIS A 101 -16.21 32.92 3.60
N ILE A 102 -15.33 31.92 3.70
CA ILE A 102 -14.89 31.33 4.98
C ILE A 102 -13.76 32.21 5.51
N ASP A 103 -14.14 33.16 6.38
CA ASP A 103 -13.19 34.15 6.95
C ASP A 103 -12.53 33.50 8.17
N THR A 104 -11.37 32.89 7.94
CA THR A 104 -10.59 32.10 8.91
C THR A 104 -9.93 33.04 9.91
N GLU A 105 -9.66 32.55 11.13
CA GLU A 105 -8.88 33.25 12.16
C GLU A 105 -7.65 33.89 11.51
N TRP A 106 -6.92 33.12 10.73
CA TRP A 106 -5.62 33.58 10.17
C TRP A 106 -5.83 34.06 8.74
N ARG A 107 -5.15 35.15 8.37
CA ARG A 107 -4.85 35.46 6.95
C ARG A 107 -3.68 34.58 6.48
N SER A 108 -3.93 33.32 6.14
CA SER A 108 -2.85 32.36 5.76
C SER A 108 -2.31 32.77 4.40
N ASP A 109 -3.10 33.51 3.62
CA ASP A 109 -2.62 34.12 2.35
C ASP A 109 -1.44 35.05 2.63
N TRP A 110 -1.45 35.80 3.73
CA TRP A 110 -0.39 36.80 4.01
C TRP A 110 0.94 36.09 4.25
N LYS A 111 0.95 34.97 4.98
CA LYS A 111 2.17 34.18 5.25
C LYS A 111 2.65 33.62 3.91
N TRP A 112 1.71 33.21 3.08
CA TRP A 112 2.04 32.65 1.75
C TRP A 112 2.75 33.72 0.91
N ASP A 113 2.28 34.96 0.91
CA ASP A 113 2.90 36.10 0.15
C ASP A 113 4.30 36.39 0.74
N ARG A 114 4.52 36.19 2.05
CA ARG A 114 5.87 36.40 2.65
C ARG A 114 6.83 35.27 2.25
N VAL A 115 6.30 34.06 2.03
CA VAL A 115 7.15 32.87 1.76
C VAL A 115 7.50 32.84 0.28
N LEU A 116 6.53 33.03 -0.59
CA LEU A 116 6.64 32.68 -2.02
C LEU A 116 7.88 33.30 -2.69
N PRO A 117 8.22 34.60 -2.45
CA PRO A 117 9.34 35.22 -3.17
C PRO A 117 10.69 34.52 -2.95
N HIS A 118 10.81 33.71 -1.89
CA HIS A 118 12.14 33.22 -1.42
C HIS A 118 12.36 31.75 -1.77
N ILE A 119 11.38 31.03 -2.33
CA ILE A 119 11.51 29.54 -2.48
C ILE A 119 11.89 29.17 -3.92
N SER A 120 12.53 28.03 -4.07
CA SER A 120 12.77 27.41 -5.39
C SER A 120 11.42 27.08 -6.00
N PRO A 121 11.23 27.35 -7.30
CA PRO A 121 9.93 27.14 -7.93
C PRO A 121 9.44 25.72 -7.65
N LEU A 122 8.13 25.60 -7.43
CA LEU A 122 7.44 24.36 -7.02
C LEU A 122 7.00 23.52 -8.22
N LYS A 123 7.10 24.04 -9.44
CA LYS A 123 6.71 23.34 -10.70
C LYS A 123 7.28 21.92 -10.65
N ASN A 124 6.41 20.90 -10.67
CA ASN A 124 6.76 19.45 -10.69
C ASN A 124 7.49 18.97 -9.43
N ARG A 125 7.50 19.78 -8.37
CA ARG A 125 8.07 19.37 -7.05
C ARG A 125 7.02 18.56 -6.30
N SER A 126 7.48 17.52 -5.61
CA SER A 126 6.75 16.83 -4.53
C SER A 126 7.06 17.59 -3.24
N VAL A 127 6.02 17.85 -2.45
CA VAL A 127 6.10 18.75 -1.25
C VAL A 127 5.51 18.04 -0.05
N LEU A 128 6.13 18.19 1.11
CA LEU A 128 5.59 17.73 2.42
C LEU A 128 5.24 18.99 3.20
N ASP A 129 4.00 19.13 3.66
CA ASP A 129 3.62 20.26 4.54
C ASP A 129 3.43 19.69 5.94
N VAL A 130 4.38 19.99 6.84
CA VAL A 130 4.40 19.42 8.22
C VAL A 130 3.60 20.36 9.09
N GLY A 131 2.52 19.87 9.71
CA GLY A 131 1.59 20.70 10.47
C GLY A 131 0.84 21.61 9.51
N CYS A 132 0.15 21.00 8.55
CA CYS A 132 -0.45 21.72 7.41
C CYS A 132 -1.78 22.37 7.79
N GLY A 133 -2.29 22.14 9.00
CA GLY A 133 -3.63 22.62 9.35
C GLY A 133 -4.66 22.00 8.43
N ASN A 134 -5.63 22.76 7.92
CA ASN A 134 -6.65 22.19 7.00
C ASN A 134 -6.09 22.09 5.56
N GLY A 135 -4.82 22.43 5.33
CA GLY A 135 -4.15 22.22 4.04
C GLY A 135 -4.24 23.42 3.11
N TYR A 136 -4.60 24.62 3.63
CA TYR A 136 -4.70 25.87 2.86
C TYR A 136 -3.48 26.01 1.95
N HIS A 137 -2.27 25.89 2.52
CA HIS A 137 -1.01 26.18 1.81
C HIS A 137 -0.72 25.10 0.75
N MET A 138 -1.25 23.89 0.92
CA MET A 138 -1.08 22.81 -0.07
C MET A 138 -1.83 23.22 -1.36
N TRP A 139 -3.01 23.84 -1.25
CA TRP A 139 -3.76 24.37 -2.43
C TRP A 139 -2.90 25.41 -3.15
N ARG A 140 -2.28 26.33 -2.38
CA ARG A 140 -1.41 27.39 -2.95
C ARG A 140 -0.17 26.76 -3.60
N MET A 141 0.36 25.68 -3.01
CA MET A 141 1.50 24.93 -3.59
C MET A 141 1.09 24.31 -4.92
N LEU A 142 -0.10 23.69 -5.00
CA LEU A 142 -0.58 23.14 -6.30
C LEU A 142 -0.79 24.30 -7.29
N GLY A 143 -1.29 25.43 -6.81
CA GLY A 143 -1.38 26.69 -7.57
C GLY A 143 -0.08 27.07 -8.28
N GLU A 144 1.07 26.77 -7.68
CA GLU A 144 2.43 27.11 -8.17
C GLU A 144 3.02 25.97 -8.98
N GLY A 145 2.23 24.94 -9.28
CA GLY A 145 2.62 23.84 -10.18
C GLY A 145 3.18 22.62 -9.48
N ALA A 146 3.11 22.53 -8.15
CA ALA A 146 3.52 21.32 -7.41
C ALA A 146 2.82 20.08 -8.00
N ARG A 147 3.55 18.99 -8.12
CA ARG A 147 3.05 17.72 -8.69
C ARG A 147 2.23 16.97 -7.62
N LEU A 148 2.71 16.98 -6.37
CA LEU A 148 2.14 16.26 -5.20
C LEU A 148 2.38 17.08 -3.93
N CYS A 149 1.35 17.27 -3.12
CA CYS A 149 1.46 17.82 -1.75
C CYS A 149 0.93 16.79 -0.75
N VAL A 150 1.77 16.34 0.15
CA VAL A 150 1.33 15.51 1.30
C VAL A 150 1.40 16.41 2.54
N GLY A 151 0.27 16.57 3.22
CA GLY A 151 0.17 17.23 4.52
C GLY A 151 0.19 16.22 5.65
N ILE A 152 0.77 16.59 6.80
CA ILE A 152 0.54 15.82 8.05
C ILE A 152 0.13 16.79 9.15
N ASP A 153 -0.97 16.47 9.81
CA ASP A 153 -1.49 17.21 10.96
C ASP A 153 -2.29 16.22 11.79
N PRO A 154 -2.00 16.07 13.10
CA PRO A 154 -2.76 15.12 13.92
C PRO A 154 -4.18 15.52 14.31
N SER A 155 -4.70 16.69 13.90
CA SER A 155 -6.05 17.20 14.24
C SER A 155 -7.11 16.54 13.36
N HIS A 156 -8.07 15.84 13.97
CA HIS A 156 -9.17 15.16 13.25
C HIS A 156 -9.99 16.25 12.52
N LEU A 157 -10.25 17.37 13.14
CA LEU A 157 -11.08 18.45 12.53
C LEU A 157 -10.44 18.92 11.24
N PHE A 158 -9.11 19.07 11.21
CA PHE A 158 -8.42 19.69 10.05
C PHE A 158 -8.44 18.68 8.89
N LEU A 159 -8.46 17.40 9.17
CA LEU A 159 -8.63 16.37 8.11
C LEU A 159 -10.03 16.51 7.49
N ILE A 160 -11.07 16.73 8.31
CA ILE A 160 -12.45 16.93 7.80
C ILE A 160 -12.53 18.24 7.00
N GLN A 161 -11.94 19.34 7.49
CA GLN A 161 -11.94 20.63 6.76
C GLN A 161 -11.27 20.39 5.41
N PHE A 162 -10.13 19.70 5.41
CA PHE A 162 -9.35 19.47 4.17
C PHE A 162 -10.21 18.68 3.18
N GLU A 163 -10.86 17.60 3.63
CA GLU A 163 -11.68 16.73 2.77
C GLU A 163 -12.90 17.50 2.28
N ALA A 164 -13.41 18.46 3.05
CA ALA A 164 -14.56 19.30 2.62
C ALA A 164 -14.10 20.11 1.40
N ILE A 165 -12.97 20.81 1.49
CA ILE A 165 -12.45 21.64 0.38
C ILE A 165 -12.08 20.70 -0.76
N ARG A 166 -11.44 19.57 -0.47
CA ARG A 166 -10.99 18.65 -1.54
C ARG A 166 -12.23 18.12 -2.29
N LYS A 167 -13.33 17.82 -1.60
CA LYS A 167 -14.58 17.35 -2.28
C LYS A 167 -15.12 18.49 -3.16
N LEU A 168 -15.10 19.72 -2.64
CA LEU A 168 -15.58 20.91 -3.40
C LEU A 168 -14.64 21.22 -4.58
N MET A 169 -13.39 20.77 -4.54
CA MET A 169 -12.42 20.84 -5.66
C MET A 169 -12.67 19.72 -6.69
N GLY A 170 -13.63 18.82 -6.45
CA GLY A 170 -13.90 17.68 -7.37
C GLY A 170 -13.07 16.44 -7.06
N GLY A 171 -12.51 16.32 -5.86
CA GLY A 171 -11.83 15.09 -5.40
C GLY A 171 -10.37 15.03 -5.87
N ASP A 172 -9.78 16.19 -6.20
CA ASP A 172 -8.35 16.38 -6.54
C ASP A 172 -7.43 15.46 -5.69
N GLN A 173 -6.70 14.56 -6.37
CA GLN A 173 -5.84 13.51 -5.79
C GLN A 173 -4.38 13.96 -5.67
N ARG A 174 -4.07 15.23 -6.00
CA ARG A 174 -2.69 15.76 -5.99
C ARG A 174 -2.35 16.32 -4.60
N ALA A 175 -3.31 16.39 -3.68
CA ALA A 175 -3.12 16.79 -2.27
C ALA A 175 -3.77 15.74 -1.37
N HIS A 176 -3.14 15.48 -0.23
CA HIS A 176 -3.63 14.52 0.80
C HIS A 176 -3.21 15.00 2.17
N LEU A 177 -4.09 14.80 3.15
CA LEU A 177 -3.78 15.09 4.56
C LEU A 177 -3.82 13.78 5.36
N LEU A 178 -2.68 13.41 5.98
CA LEU A 178 -2.54 12.21 6.83
C LEU A 178 -2.57 12.62 8.29
N PRO A 179 -3.42 11.95 9.09
CA PRO A 179 -3.60 12.31 10.51
C PRO A 179 -2.44 11.83 11.42
N LEU A 180 -1.22 12.28 11.15
CA LEU A 180 0.03 11.85 11.81
C LEU A 180 0.75 13.07 12.39
N GLY A 181 1.63 12.82 13.35
CA GLY A 181 2.70 13.78 13.70
C GLY A 181 3.97 13.49 12.92
N ILE A 182 4.83 14.49 12.76
CA ILE A 182 6.15 14.37 12.07
C ILE A 182 7.02 13.28 12.70
N GLU A 183 6.91 13.03 14.01
CA GLU A 183 7.66 11.98 14.75
C GLU A 183 7.28 10.58 14.25
N GLN A 184 6.14 10.41 13.60
CA GLN A 184 5.67 9.07 13.13
C GLN A 184 6.24 8.73 11.74
N LEU A 185 6.81 9.68 11.01
CA LEU A 185 7.39 9.37 9.68
C LEU A 185 8.71 8.61 9.84
N PRO A 186 8.99 7.61 9.00
CA PRO A 186 10.33 7.08 8.85
C PRO A 186 11.15 8.06 7.99
N LYS A 187 12.44 7.80 7.88
CA LYS A 187 13.38 8.51 6.99
C LYS A 187 13.02 8.20 5.54
N LEU A 188 12.25 9.05 4.86
CA LEU A 188 11.79 8.79 3.47
C LEU A 188 12.75 9.38 2.44
N GLU A 189 13.31 10.56 2.70
CA GLU A 189 14.18 11.28 1.74
C GLU A 189 13.52 11.29 0.37
N ALA A 190 12.24 11.67 0.31
CA ALA A 190 11.39 11.51 -0.89
C ALA A 190 10.94 12.86 -1.46
N PHE A 191 11.11 13.95 -0.75
CA PHE A 191 10.43 15.22 -1.13
C PHE A 191 11.43 16.24 -1.62
N ASP A 192 11.03 16.99 -2.66
CA ASP A 192 11.85 18.08 -3.25
C ASP A 192 11.82 19.25 -2.28
N THR A 193 10.66 19.58 -1.74
CA THR A 193 10.46 20.69 -0.78
C THR A 193 9.71 20.21 0.46
N VAL A 194 10.14 20.69 1.64
CA VAL A 194 9.43 20.47 2.94
C VAL A 194 9.12 21.82 3.54
N PHE A 195 7.87 22.04 3.90
CA PHE A 195 7.44 23.17 4.76
C PHE A 195 7.19 22.69 6.18
N SER A 196 7.70 23.45 7.15
CA SER A 196 7.38 23.31 8.59
C SER A 196 7.13 24.73 9.08
N MET A 197 5.85 25.09 9.19
CA MET A 197 5.44 26.47 9.52
C MET A 197 4.54 26.38 10.74
N GLY A 198 5.00 26.94 11.85
CA GLY A 198 4.20 26.98 13.07
C GLY A 198 4.29 25.69 13.87
N VAL A 199 5.34 24.90 13.73
CA VAL A 199 5.41 23.55 14.39
C VAL A 199 6.54 23.51 15.41
N LEU A 200 7.69 24.12 15.10
CA LEU A 200 8.95 23.93 15.87
C LEU A 200 8.73 24.22 17.35
N TYR A 201 8.08 25.34 17.67
CA TYR A 201 7.84 25.73 19.09
C TYR A 201 6.97 24.69 19.84
N HIS A 202 6.22 23.82 19.16
CA HIS A 202 5.34 22.80 19.79
C HIS A 202 6.14 21.52 20.11
N ARG A 203 7.40 21.43 19.67
CA ARG A 203 8.19 20.18 19.72
C ARG A 203 9.19 20.31 20.87
N ARG A 204 9.14 19.38 21.80
CA ARG A 204 10.03 19.37 22.99
C ARG A 204 11.52 19.39 22.58
N SER A 205 11.86 18.66 21.51
CA SER A 205 13.24 18.56 20.95
C SER A 205 13.32 19.31 19.62
N PRO A 206 13.75 20.58 19.63
CA PRO A 206 13.78 21.35 18.38
C PRO A 206 14.81 20.80 17.39
N LEU A 207 15.97 20.32 17.85
CA LEU A 207 17.02 19.79 16.92
C LEU A 207 16.52 18.49 16.30
N ASP A 208 15.78 17.65 17.03
CA ASP A 208 15.18 16.42 16.48
C ASP A 208 14.16 16.79 15.40
N HIS A 209 13.39 17.85 15.62
CA HIS A 209 12.44 18.33 14.60
C HIS A 209 13.20 18.67 13.31
N LEU A 210 14.28 19.42 13.42
CA LEU A 210 15.05 19.86 12.22
C LEU A 210 15.66 18.63 11.53
N ILE A 211 16.07 17.60 12.27
CA ILE A 211 16.64 16.36 11.68
C ILE A 211 15.49 15.60 10.99
N GLN A 212 14.31 15.51 11.60
CA GLN A 212 13.13 14.81 11.02
C GLN A 212 12.74 15.45 9.68
N LEU A 213 12.87 16.79 9.55
CA LEU A 213 12.57 17.54 8.30
C LEU A 213 13.65 17.19 7.27
N LYS A 214 14.90 17.22 7.69
CA LYS A 214 16.03 16.89 6.80
C LYS A 214 15.83 15.47 6.28
N ASP A 215 15.33 14.57 7.12
CA ASP A 215 15.13 13.13 6.76
C ASP A 215 13.99 12.91 5.74
N GLN A 216 13.14 13.91 5.45
CA GLN A 216 12.07 13.79 4.42
C GLN A 216 12.53 14.37 3.07
N LEU A 217 13.71 14.97 3.00
CA LEU A 217 14.16 15.71 1.77
C LEU A 217 15.06 14.80 0.94
N VAL A 218 14.87 14.82 -0.38
CA VAL A 218 15.90 14.32 -1.33
C VAL A 218 17.18 15.13 -1.11
N SER A 219 18.31 14.59 -1.54
CA SER A 219 19.57 15.36 -1.49
C SER A 219 19.39 16.58 -2.41
N GLY A 220 19.88 17.75 -1.97
CA GLY A 220 19.69 19.07 -2.62
C GLY A 220 18.26 19.58 -2.46
N GLY A 221 17.47 18.94 -1.60
CA GLY A 221 16.09 19.34 -1.34
C GLY A 221 16.05 20.57 -0.49
N GLU A 222 14.94 21.32 -0.54
CA GLU A 222 14.79 22.64 0.12
C GLU A 222 13.82 22.55 1.29
N LEU A 223 14.20 23.14 2.43
CA LEU A 223 13.37 23.36 3.64
C LEU A 223 12.88 24.82 3.68
N ILE A 224 11.60 25.01 3.94
CA ILE A 224 11.05 26.31 4.43
C ILE A 224 10.65 26.10 5.88
N LEU A 225 11.37 26.74 6.81
CA LEU A 225 11.07 26.71 8.26
C LEU A 225 10.46 28.03 8.66
N GLU A 226 9.29 27.99 9.31
CA GLU A 226 8.62 29.20 9.82
C GLU A 226 8.23 28.94 11.26
N THR A 227 8.49 29.88 12.14
CA THR A 227 8.29 29.63 13.58
C THR A 227 8.31 30.97 14.30
N LEU A 228 7.86 30.94 15.55
CA LEU A 228 7.87 32.09 16.47
C LEU A 228 9.29 32.24 17.03
N VAL A 229 9.78 33.47 16.98
CA VAL A 229 11.16 33.83 17.38
C VAL A 229 11.06 34.97 18.38
N ILE A 230 12.19 35.27 19.01
CA ILE A 230 12.47 36.56 19.70
C ILE A 230 13.54 37.31 18.89
N GLU A 231 13.72 38.59 19.20
CA GLU A 231 14.89 39.37 18.73
C GLU A 231 16.14 38.91 19.47
N GLY A 232 17.28 38.96 18.82
CA GLY A 232 18.60 38.85 19.44
C GLY A 232 19.59 38.11 18.58
N ASP A 233 20.75 37.80 19.16
CA ASP A 233 21.88 37.18 18.45
C ASP A 233 21.77 35.65 18.56
N GLU A 234 22.87 34.94 18.33
CA GLU A 234 22.93 33.47 18.15
C GLU A 234 22.67 32.75 19.49
N THR A 235 22.65 33.49 20.61
CA THR A 235 22.46 32.95 22.00
C THR A 235 21.20 33.52 22.64
N ALA A 236 20.31 34.14 21.86
CA ALA A 236 18.96 34.59 22.28
C ALA A 236 17.94 33.45 22.02
N VAL A 237 17.45 32.82 23.08
CA VAL A 237 16.52 31.67 23.03
C VAL A 237 15.58 31.78 24.22
N LEU A 238 14.31 32.15 23.98
CA LEU A 238 13.26 32.13 25.02
C LEU A 238 12.71 30.70 25.14
N VAL A 239 12.64 30.19 26.36
CA VAL A 239 11.88 28.98 26.76
C VAL A 239 10.99 29.44 27.90
N PRO A 240 9.68 29.50 27.71
CA PRO A 240 8.79 30.00 28.74
C PRO A 240 8.58 28.96 29.84
N LYS A 241 8.51 29.45 31.08
CA LYS A 241 8.19 28.67 32.30
C LYS A 241 6.78 28.10 32.15
N GLU A 242 5.86 28.95 31.71
CA GLU A 242 4.40 28.71 31.69
C GLU A 242 3.95 28.72 30.22
N ARG A 243 2.88 29.47 29.94
CA ARG A 243 2.26 29.57 28.60
C ARG A 243 2.93 30.72 27.87
N TYR A 244 2.97 30.64 26.55
CA TYR A 244 3.31 31.79 25.67
C TYR A 244 2.09 32.16 24.84
N ALA A 245 1.55 33.35 25.05
CA ALA A 245 0.36 33.85 24.32
C ALA A 245 -0.76 32.83 24.50
N GLN A 246 -0.89 32.31 25.73
CA GLN A 246 -1.95 31.36 26.14
C GLN A 246 -1.75 29.96 25.53
N MET A 247 -0.68 29.69 24.79
CA MET A 247 -0.43 28.31 24.30
C MET A 247 0.18 27.47 25.44
N ARG A 248 -0.41 26.29 25.67
CA ARG A 248 0.10 25.18 26.53
C ARG A 248 1.11 24.37 25.68
N ASN A 249 2.10 23.78 26.34
CA ASN A 249 2.96 22.73 25.72
C ASN A 249 3.71 23.33 24.54
N VAL A 250 4.41 24.41 24.79
CA VAL A 250 5.36 25.01 23.84
C VAL A 250 6.70 25.08 24.55
N TYR A 251 7.77 25.16 23.77
CA TYR A 251 9.14 24.92 24.24
C TYR A 251 10.08 26.04 23.80
N PHE A 252 10.68 25.94 22.63
CA PHE A 252 11.82 26.78 22.20
C PHE A 252 11.36 27.85 21.19
N PHE A 253 11.68 29.10 21.54
CA PHE A 253 11.50 30.33 20.74
C PHE A 253 12.86 30.98 20.57
N PRO A 254 13.71 30.43 19.69
CA PRO A 254 15.04 30.94 19.47
C PRO A 254 14.87 32.25 18.69
N SER A 255 15.93 33.06 18.62
CA SER A 255 16.05 34.17 17.64
C SER A 255 16.22 33.55 16.27
N ALA A 256 15.89 34.28 15.22
CA ALA A 256 16.16 33.83 13.85
C ALA A 256 17.65 33.50 13.73
N ARG A 257 18.53 34.29 14.33
CA ARG A 257 20.00 34.07 14.20
C ARG A 257 20.40 32.77 14.92
N ALA A 258 19.80 32.46 16.06
CA ALA A 258 20.07 31.20 16.80
C ALA A 258 19.60 30.04 15.94
N LEU A 259 18.39 30.17 15.39
CA LEU A 259 17.76 29.09 14.59
C LEU A 259 18.68 28.79 13.40
N LYS A 260 19.28 29.80 12.80
CA LYS A 260 20.20 29.61 11.64
C LYS A 260 21.37 28.73 12.08
N VAL A 261 21.96 29.01 13.25
CA VAL A 261 23.09 28.19 13.78
C VAL A 261 22.58 26.75 13.99
N TRP A 262 21.40 26.58 14.62
CA TRP A 262 20.77 25.26 14.87
C TRP A 262 20.68 24.48 13.56
N LEU A 263 20.21 25.11 12.47
CA LEU A 263 20.02 24.44 11.16
C LEU A 263 21.38 24.04 10.62
N GLU A 264 22.41 24.86 10.84
CA GLU A 264 23.79 24.54 10.38
C GLU A 264 24.34 23.38 11.22
N LEU A 265 24.08 23.35 12.52
CA LEU A 265 24.64 22.32 13.42
C LEU A 265 24.18 20.94 12.96
N VAL A 266 22.90 20.80 12.59
CA VAL A 266 22.28 19.50 12.20
C VAL A 266 22.59 19.20 10.72
N GLY A 267 23.18 20.14 9.97
CA GLY A 267 23.80 19.84 8.66
C GLY A 267 23.07 20.41 7.44
N PHE A 268 22.18 21.39 7.61
CA PHE A 268 21.66 22.20 6.48
C PHE A 268 22.73 23.19 5.98
N GLU A 269 22.65 23.56 4.70
CA GLU A 269 23.53 24.58 4.04
C GLU A 269 22.67 25.69 3.42
N ASP A 270 23.33 26.78 3.00
CA ASP A 270 22.75 27.99 2.36
C ASP A 270 21.57 28.45 3.21
N VAL A 271 21.76 28.56 4.51
CA VAL A 271 20.66 28.91 5.43
C VAL A 271 20.50 30.40 5.35
N ARG A 272 19.30 30.87 5.00
CA ARG A 272 18.99 32.31 4.88
C ARG A 272 17.79 32.66 5.76
N ILE A 273 17.91 33.69 6.57
CA ILE A 273 16.77 34.36 7.25
C ILE A 273 16.18 35.33 6.23
N VAL A 274 14.96 35.08 5.73
CA VAL A 274 14.40 35.84 4.56
C VAL A 274 13.28 36.81 5.00
N ASP A 275 12.71 36.63 6.18
CA ASP A 275 11.58 37.47 6.63
C ASP A 275 11.40 37.33 8.14
N GLU A 276 11.16 38.47 8.81
CA GLU A 276 10.65 38.54 10.20
C GLU A 276 9.41 39.43 10.21
N ASN A 277 8.35 38.96 10.84
CA ASN A 277 7.06 39.68 10.88
C ASN A 277 6.48 39.65 12.29
N VAL A 278 6.22 40.81 12.88
CA VAL A 278 5.43 40.97 14.13
C VAL A 278 3.96 40.80 13.77
N THR A 279 3.32 39.77 14.28
CA THR A 279 1.94 39.38 13.85
C THR A 279 0.95 40.46 14.26
N SER A 280 0.29 41.12 13.31
CA SER A 280 -0.73 42.14 13.66
C SER A 280 -2.06 41.44 13.95
N VAL A 281 -2.94 42.13 14.65
CA VAL A 281 -4.33 41.64 14.97
C VAL A 281 -5.18 41.59 13.69
N ASP A 282 -4.69 42.03 12.53
CA ASP A 282 -5.40 41.87 11.22
C ASP A 282 -5.00 40.55 10.56
N GLU A 283 -3.83 39.99 10.89
CA GLU A 283 -3.39 38.67 10.37
C GLU A 283 -4.04 37.55 11.18
N GLN A 284 -4.33 37.76 12.46
CA GLN A 284 -4.91 36.73 13.34
C GLN A 284 -5.91 37.39 14.29
N ARG A 285 -7.19 37.03 14.16
CA ARG A 285 -8.27 37.60 15.01
C ARG A 285 -9.47 36.65 15.02
N THR A 286 -10.35 36.87 15.99
CA THR A 286 -11.70 36.26 16.05
C THR A 286 -12.47 36.70 14.82
N THR A 287 -13.23 35.78 14.20
CA THR A 287 -14.15 36.02 13.06
C THR A 287 -15.45 35.26 13.31
N ASN A 288 -16.42 35.42 12.41
CA ASN A 288 -17.72 34.69 12.48
C ASN A 288 -17.53 33.21 12.10
N TRP A 289 -16.36 32.80 11.58
CA TRP A 289 -16.08 31.37 11.34
C TRP A 289 -15.11 30.81 12.37
N MET A 290 -14.64 31.63 13.30
CA MET A 290 -13.71 31.21 14.39
C MET A 290 -13.96 32.13 15.58
N THR A 291 -14.94 31.77 16.41
CA THR A 291 -15.59 32.66 17.40
C THR A 291 -14.85 32.62 18.73
N HIS A 292 -13.87 31.74 18.89
CA HIS A 292 -13.03 31.65 20.11
C HIS A 292 -12.14 32.91 20.22
N ASN A 293 -11.48 33.04 21.36
CA ASN A 293 -10.38 34.01 21.62
C ASN A 293 -9.27 33.86 20.57
N SER A 294 -8.51 34.93 20.36
CA SER A 294 -7.44 34.98 19.33
C SER A 294 -6.40 35.99 19.79
N LEU A 295 -5.49 36.38 18.90
CA LEU A 295 -4.28 37.14 19.25
C LEU A 295 -4.58 38.36 20.12
N PRO A 296 -5.63 39.20 19.86
CA PRO A 296 -5.89 40.36 20.72
C PRO A 296 -6.07 40.03 22.20
N ASP A 297 -6.67 38.89 22.50
CA ASP A 297 -6.87 38.39 23.89
C ASP A 297 -5.57 37.82 24.47
N TYR A 298 -4.56 37.54 23.65
CA TYR A 298 -3.33 36.85 24.10
C TYR A 298 -2.22 37.86 24.38
N LEU A 299 -2.46 39.12 24.01
CA LEU A 299 -1.50 40.23 24.19
C LEU A 299 -1.81 40.89 25.52
N ASP A 300 -0.82 41.47 26.20
CA ASP A 300 -1.04 42.47 27.30
C ASP A 300 -2.05 43.53 26.81
N GLN A 301 -3.18 43.69 27.53
CA GLN A 301 -4.29 44.60 27.09
C GLN A 301 -3.82 46.06 27.04
N ASN A 302 -2.72 46.37 27.74
CA ASN A 302 -2.11 47.73 27.82
C ASN A 302 -0.82 47.84 27.00
N ASP A 303 -0.32 46.73 26.43
CA ASP A 303 0.97 46.74 25.71
C ASP A 303 1.00 45.62 24.67
N PRO A 304 0.72 45.92 23.39
CA PRO A 304 0.69 44.91 22.35
C PRO A 304 2.07 44.35 21.98
N SER A 305 3.16 44.91 22.51
CA SER A 305 4.52 44.36 22.33
C SER A 305 4.77 43.18 23.32
N LYS A 306 3.83 42.83 24.18
CA LYS A 306 3.98 41.70 25.13
C LYS A 306 2.76 40.79 25.05
N THR A 307 2.97 39.51 25.30
CA THR A 307 1.93 38.52 25.59
C THR A 307 1.31 38.82 26.96
N VAL A 308 0.14 38.28 27.27
CA VAL A 308 -0.47 38.52 28.60
C VAL A 308 0.49 38.06 29.71
N GLU A 309 1.37 37.08 29.47
CA GLU A 309 2.30 36.54 30.50
C GLU A 309 3.52 37.45 30.69
N GLY A 310 3.75 38.42 29.80
CA GLY A 310 4.88 39.38 29.92
C GLY A 310 6.01 39.14 28.92
N TYR A 311 6.01 38.07 28.11
CA TYR A 311 7.08 37.80 27.11
C TYR A 311 6.89 38.72 25.89
N PRO A 312 7.94 38.93 25.04
CA PRO A 312 7.76 39.66 23.78
C PRO A 312 6.65 39.02 22.95
N ALA A 313 5.90 39.87 22.24
CA ALA A 313 4.66 39.49 21.53
C ALA A 313 5.05 38.71 20.27
N PRO A 314 4.11 37.94 19.69
CA PRO A 314 4.43 37.03 18.60
C PRO A 314 5.14 37.68 17.42
N ARG A 315 6.26 37.06 17.06
N ARG A 315 6.25 37.05 17.04
CA ARG A 315 7.16 37.45 15.94
CA ARG A 315 7.15 37.45 15.94
C ARG A 315 7.48 36.19 15.15
C ARG A 315 7.47 36.19 15.15
N ARG A 316 7.14 36.14 13.86
CA ARG A 316 7.29 34.94 13.01
C ARG A 316 8.44 35.18 12.06
N ALA A 317 9.34 34.20 11.93
CA ALA A 317 10.50 34.27 11.02
C ALA A 317 10.37 33.16 10.00
N ILE A 318 10.78 33.45 8.78
CA ILE A 318 10.94 32.46 7.68
C ILE A 318 12.43 32.32 7.37
N LEU A 319 12.90 31.08 7.45
CA LEU A 319 14.24 30.63 7.04
C LEU A 319 14.04 29.63 5.90
N VAL A 320 14.90 29.73 4.89
CA VAL A 320 15.01 28.77 3.76
C VAL A 320 16.41 28.13 3.84
N ALA A 321 16.49 26.82 3.64
CA ALA A 321 17.75 26.07 3.71
C ALA A 321 17.73 24.93 2.69
N LYS A 322 18.93 24.43 2.39
CA LYS A 322 19.18 23.34 1.41
C LYS A 322 19.72 22.16 2.21
N LYS A 323 19.19 20.97 1.95
CA LYS A 323 19.85 19.71 2.35
C LYS A 323 21.07 19.53 1.44
N PRO A 324 22.24 19.13 1.99
CA PRO A 324 23.43 18.86 1.16
C PRO A 324 23.16 17.99 -0.08
N GLY A 325 23.99 18.15 -1.09
CA GLY A 325 23.96 17.35 -2.32
C GLY A 325 23.37 18.13 -3.49
N HIS A 326 23.48 17.56 -4.69
CA HIS A 326 22.84 18.08 -5.92
C HIS A 326 21.40 17.53 -5.98
N HIS A 327 20.46 18.38 -6.43
CA HIS A 327 19.01 18.07 -6.54
C HIS A 327 18.68 17.41 -7.89
N HIS A 328 18.47 16.07 -7.89
CA HIS A 328 18.25 15.19 -9.09
C HIS A 328 16.75 14.94 -9.29
N MET B 1 15.86 -3.58 -5.11
CA MET B 1 14.55 -3.81 -5.72
C MET B 1 14.73 -4.82 -6.87
N MET B 2 14.46 -6.09 -6.57
CA MET B 2 14.31 -7.19 -7.55
C MET B 2 13.02 -7.01 -8.38
N PHE B 3 11.87 -6.76 -7.77
CA PHE B 3 10.55 -6.74 -8.46
C PHE B 3 9.58 -5.82 -7.71
N ASN B 4 8.92 -4.93 -8.43
CA ASN B 4 8.06 -3.87 -7.83
C ASN B 4 6.62 -4.39 -7.75
N PHE B 5 6.09 -4.53 -6.52
CA PHE B 5 4.71 -5.04 -6.29
C PHE B 5 3.69 -3.92 -6.27
N ALA B 6 3.99 -2.77 -6.88
CA ALA B 6 3.13 -1.57 -6.92
C ALA B 6 1.71 -1.96 -7.28
N ASN B 7 1.52 -2.77 -8.31
CA ASN B 7 0.18 -3.02 -8.88
C ASN B 7 -0.62 -3.85 -7.91
N PHE B 8 0.01 -4.73 -7.15
CA PHE B 8 -0.70 -5.55 -6.15
C PHE B 8 -1.11 -4.67 -4.96
N TYR B 9 -0.22 -3.80 -4.50
CA TYR B 9 -0.52 -2.83 -3.42
C TYR B 9 -1.74 -1.99 -3.83
N GLN B 10 -1.79 -1.56 -5.07
CA GLN B 10 -2.90 -0.72 -5.60
C GLN B 10 -4.19 -1.52 -5.47
N LEU B 11 -4.13 -2.81 -5.84
CA LEU B 11 -5.34 -3.67 -5.88
C LEU B 11 -5.86 -3.83 -4.44
N ILE B 12 -5.00 -4.18 -3.50
CA ILE B 12 -5.52 -4.54 -2.14
C ILE B 12 -5.91 -3.23 -1.42
N ALA B 13 -5.31 -2.10 -1.81
CA ALA B 13 -5.69 -0.76 -1.28
C ALA B 13 -7.19 -0.57 -1.50
N GLN B 14 -7.70 -0.95 -2.66
CA GLN B 14 -9.07 -0.62 -3.11
C GLN B 14 -10.06 -1.75 -2.78
N ASP B 15 -9.67 -2.69 -1.93
CA ASP B 15 -10.44 -3.91 -1.61
C ASP B 15 -10.67 -3.93 -0.09
N THR B 16 -11.93 -3.85 0.31
CA THR B 16 -12.35 -3.70 1.73
C THR B 16 -11.79 -4.87 2.57
N ARG B 17 -11.72 -6.09 2.06
CA ARG B 17 -11.26 -7.27 2.87
C ARG B 17 -9.73 -7.46 2.82
N LEU B 18 -9.03 -7.00 1.80
CA LEU B 18 -7.56 -7.26 1.65
C LEU B 18 -6.72 -6.07 2.14
N GLN B 19 -7.28 -4.88 2.27
CA GLN B 19 -6.53 -3.66 2.70
C GLN B 19 -5.77 -3.93 4.01
N PRO B 20 -6.34 -4.64 5.00
CA PRO B 20 -5.62 -4.97 6.22
C PRO B 20 -4.33 -5.74 6.02
N TRP B 21 -4.21 -6.44 4.91
CA TRP B 21 -2.95 -7.13 4.51
C TRP B 21 -1.82 -6.11 4.38
N LEU B 22 -2.10 -4.85 4.03
CA LEU B 22 -1.05 -3.79 3.93
C LEU B 22 -0.35 -3.56 5.27
N ASN B 23 -0.94 -4.02 6.37
CA ASN B 23 -0.35 -3.91 7.72
C ASN B 23 0.84 -4.85 7.91
N VAL B 24 1.04 -5.88 7.11
CA VAL B 24 2.24 -6.78 7.29
C VAL B 24 2.98 -7.04 5.98
N LEU B 25 2.30 -7.01 4.83
CA LEU B 25 2.85 -7.52 3.55
C LEU B 25 4.01 -6.66 3.12
N PRO B 26 3.91 -5.31 3.15
CA PRO B 26 4.94 -4.49 2.51
C PRO B 26 6.31 -4.71 3.15
N GLN B 27 6.41 -4.88 4.47
CA GLN B 27 7.73 -5.10 5.12
C GLN B 27 8.25 -6.47 4.66
N GLN B 28 7.36 -7.47 4.54
CA GLN B 28 7.76 -8.84 4.13
C GLN B 28 8.33 -8.78 2.73
N LEU B 29 7.69 -8.03 1.82
CA LEU B 29 8.19 -7.92 0.43
C LEU B 29 9.46 -7.08 0.40
N THR B 30 9.60 -6.07 1.25
CA THR B 30 10.84 -5.27 1.35
C THR B 30 11.99 -6.20 1.76
N ASP B 31 11.81 -7.01 2.82
CA ASP B 31 12.79 -8.02 3.27
C ASP B 31 13.14 -8.96 2.12
N TRP B 32 12.14 -9.47 1.39
CA TRP B 32 12.35 -10.39 0.23
C TRP B 32 13.23 -9.74 -0.84
N GLN B 33 13.03 -8.46 -1.17
CA GLN B 33 13.88 -7.70 -2.15
C GLN B 33 15.35 -7.76 -1.72
N ASN B 34 15.62 -7.63 -0.41
CA ASN B 34 17.00 -7.40 0.10
C ASN B 34 17.74 -8.73 0.30
N ALA B 35 17.07 -9.87 0.24
CA ALA B 35 17.73 -11.20 0.22
C ALA B 35 18.04 -11.53 -1.25
N GLU B 36 19.03 -10.82 -1.82
CA GLU B 36 19.48 -10.96 -3.24
C GLU B 36 19.47 -12.45 -3.62
N HIS B 37 18.98 -12.74 -4.82
CA HIS B 37 19.01 -14.08 -5.44
C HIS B 37 20.03 -14.02 -6.59
N GLY B 38 20.94 -15.01 -6.68
CA GLY B 38 21.97 -15.08 -7.74
C GLY B 38 21.40 -14.83 -9.15
N ASP B 39 20.28 -15.48 -9.50
CA ASP B 39 19.79 -15.59 -10.89
C ASP B 39 18.79 -14.49 -11.25
N PHE B 40 18.20 -13.81 -10.27
CA PHE B 40 17.02 -12.94 -10.53
C PHE B 40 17.37 -11.84 -11.54
N PRO B 41 18.54 -11.19 -11.46
CA PRO B 41 18.92 -10.18 -12.46
C PRO B 41 18.88 -10.68 -13.91
N ARG B 42 19.49 -11.85 -14.17
CA ARG B 42 19.46 -12.52 -15.50
C ARG B 42 17.99 -12.78 -15.93
N TRP B 43 17.19 -13.38 -15.05
CA TRP B 43 15.77 -13.72 -15.30
C TRP B 43 15.01 -12.47 -15.72
N LEU B 44 15.16 -11.42 -14.94
CA LEU B 44 14.50 -10.11 -15.15
C LEU B 44 14.89 -9.53 -16.52
N LYS B 45 16.18 -9.56 -16.88
CA LYS B 45 16.70 -9.04 -18.18
C LYS B 45 15.91 -9.73 -19.29
N ALA B 46 15.70 -11.06 -19.17
CA ALA B 46 14.98 -11.88 -20.16
C ALA B 46 13.48 -11.54 -20.11
N LEU B 47 12.89 -11.48 -18.91
CA LEU B 47 11.47 -11.09 -18.77
C LEU B 47 11.22 -9.75 -19.48
N ASN B 48 12.12 -8.78 -19.32
CA ASN B 48 11.93 -7.40 -19.84
C ASN B 48 11.97 -7.42 -21.38
N LYS B 49 12.62 -8.41 -21.99
CA LYS B 49 12.77 -8.54 -23.46
C LYS B 49 11.52 -9.20 -24.08
N ILE B 50 10.60 -9.71 -23.27
CA ILE B 50 9.38 -10.39 -23.81
C ILE B 50 8.43 -9.32 -24.33
N PRO B 51 7.84 -9.50 -25.53
CA PRO B 51 6.93 -8.48 -26.09
C PRO B 51 5.80 -8.06 -25.13
N GLU B 52 5.42 -6.79 -25.20
CA GLU B 52 4.58 -6.10 -24.18
C GLU B 52 3.09 -6.16 -24.59
N GLY B 53 2.73 -6.40 -25.85
CA GLY B 53 1.31 -6.26 -26.25
C GLY B 53 0.32 -7.31 -25.69
N ALA B 54 -0.96 -6.99 -25.82
CA ALA B 54 -2.10 -7.91 -25.66
C ALA B 54 -2.21 -8.79 -26.89
N PRO B 55 -2.42 -10.12 -26.74
CA PRO B 55 -2.60 -11.03 -27.87
C PRO B 55 -4.04 -10.97 -28.37
N ASP B 56 -4.30 -11.45 -29.58
CA ASP B 56 -5.66 -11.36 -30.17
C ASP B 56 -6.53 -12.46 -29.58
N GLN B 57 -5.97 -13.64 -29.30
CA GLN B 57 -6.76 -14.82 -28.88
C GLN B 57 -6.16 -15.42 -27.60
N ILE B 58 -7.01 -15.65 -26.60
CA ILE B 58 -6.65 -16.35 -25.32
C ILE B 58 -7.66 -17.47 -25.07
N ASP B 59 -7.19 -18.71 -24.92
CA ASP B 59 -8.01 -19.79 -24.30
C ASP B 59 -7.44 -20.10 -22.90
N ILE B 60 -8.17 -19.76 -21.85
CA ILE B 60 -7.82 -20.16 -20.46
C ILE B 60 -8.95 -21.05 -19.90
N LYS B 61 -9.85 -21.48 -20.80
CA LYS B 61 -10.99 -22.36 -20.47
C LYS B 61 -10.57 -23.83 -20.57
N HIS B 62 -9.94 -24.21 -21.69
CA HIS B 62 -9.67 -25.62 -22.08
C HIS B 62 -8.18 -25.93 -21.98
N SER B 63 -7.35 -24.92 -21.80
CA SER B 63 -5.87 -25.02 -21.71
C SER B 63 -5.38 -23.66 -21.24
N VAL B 64 -4.08 -23.40 -21.35
CA VAL B 64 -3.57 -22.00 -21.35
C VAL B 64 -2.83 -21.82 -22.67
N THR B 65 -3.53 -21.22 -23.62
CA THR B 65 -3.07 -21.01 -25.03
C THR B 65 -3.26 -19.55 -25.42
N ILE B 66 -2.21 -18.92 -25.95
CA ILE B 66 -2.21 -17.52 -26.45
C ILE B 66 -1.82 -17.56 -27.94
N SER B 67 -2.49 -16.80 -28.82
CA SER B 67 -2.11 -16.64 -30.26
C SER B 67 -2.59 -15.28 -30.80
N ASN B 68 -2.00 -14.86 -31.93
CA ASN B 68 -2.43 -13.68 -32.70
C ASN B 68 -3.16 -14.12 -33.97
N ASP B 69 -4.06 -13.27 -34.49
CA ASP B 69 -4.77 -13.48 -35.78
C ASP B 69 -3.74 -13.45 -36.91
N THR B 70 -2.83 -12.46 -36.94
CA THR B 70 -1.76 -12.36 -37.98
C THR B 70 -0.51 -13.06 -37.43
N PRO B 71 -0.03 -14.14 -38.09
CA PRO B 71 1.22 -14.79 -37.72
C PRO B 71 2.36 -13.81 -37.38
N PHE B 72 3.16 -14.20 -36.38
CA PHE B 72 4.24 -13.41 -35.73
C PHE B 72 5.45 -13.37 -36.67
N HIS B 73 6.32 -12.36 -36.55
CA HIS B 73 7.64 -12.32 -37.24
C HIS B 73 8.38 -13.65 -36.94
N GLN B 74 8.83 -14.37 -37.99
CA GLN B 74 9.58 -15.67 -37.89
C GLN B 74 10.73 -15.55 -36.87
N GLY B 75 11.48 -14.43 -36.91
CA GLY B 75 12.68 -14.19 -36.09
C GLY B 75 12.38 -13.81 -34.65
N GLU B 76 11.33 -12.99 -34.45
CA GLU B 76 10.77 -12.58 -33.12
C GLU B 76 10.27 -13.84 -32.37
N LEU B 77 9.70 -14.82 -33.06
CA LEU B 77 9.24 -16.11 -32.49
C LEU B 77 10.44 -16.94 -31.97
N LYS B 78 11.55 -16.99 -32.72
CA LYS B 78 12.74 -17.76 -32.29
C LYS B 78 13.31 -17.11 -31.02
N LYS B 79 13.30 -15.77 -30.95
CA LYS B 79 13.83 -14.96 -29.80
C LYS B 79 12.95 -15.26 -28.57
N LEU B 80 11.63 -15.17 -28.73
CA LEU B 80 10.65 -15.46 -27.66
C LEU B 80 10.91 -16.85 -27.07
N GLU B 81 11.00 -17.89 -27.91
CA GLU B 81 11.29 -19.26 -27.44
C GLU B 81 12.57 -19.25 -26.59
N SER B 82 13.60 -18.52 -27.01
CA SER B 82 14.91 -18.48 -26.31
C SER B 82 14.73 -17.83 -24.95
N LEU B 83 13.99 -16.73 -24.89
CA LEU B 83 13.73 -16.00 -23.63
C LEU B 83 13.02 -16.94 -22.65
N LEU B 84 11.97 -17.64 -23.11
CA LEU B 84 11.15 -18.51 -22.23
C LEU B 84 12.00 -19.68 -21.69
N ARG B 85 12.90 -20.19 -22.53
CA ARG B 85 13.81 -21.32 -22.16
C ARG B 85 14.83 -20.88 -21.11
N THR B 86 15.11 -19.57 -21.01
CA THR B 86 15.90 -18.94 -19.91
C THR B 86 15.35 -19.34 -18.53
N PHE B 87 14.03 -19.58 -18.42
CA PHE B 87 13.33 -19.76 -17.10
C PHE B 87 13.25 -21.24 -16.76
N HIS B 88 14.09 -22.08 -17.39
CA HIS B 88 14.25 -23.49 -17.00
C HIS B 88 14.48 -23.56 -15.51
N PRO B 89 14.04 -24.59 -14.74
CA PRO B 89 13.09 -25.61 -15.16
C PRO B 89 11.59 -25.24 -15.15
N TRP B 90 10.85 -25.63 -16.20
CA TRP B 90 9.38 -25.45 -16.29
C TRP B 90 8.66 -26.71 -15.79
N ARG B 91 8.17 -26.64 -14.56
CA ARG B 91 7.61 -27.81 -13.84
C ARG B 91 6.09 -27.89 -14.03
N LYS B 92 5.38 -26.77 -14.13
CA LYS B 92 3.90 -26.73 -14.10
C LYS B 92 3.40 -26.04 -15.36
N GLY B 93 2.46 -26.71 -16.03
CA GLY B 93 1.79 -26.26 -17.26
C GLY B 93 0.96 -27.41 -17.81
N PRO B 94 0.91 -27.68 -19.14
CA PRO B 94 1.72 -26.99 -20.14
C PRO B 94 1.13 -25.64 -20.56
N TYR B 95 1.88 -24.88 -21.36
CA TYR B 95 1.45 -23.60 -21.96
C TYR B 95 1.68 -23.68 -23.46
N THR B 96 0.81 -23.08 -24.28
CA THR B 96 1.10 -22.83 -25.71
C THR B 96 1.01 -21.32 -26.03
N VAL B 97 2.14 -20.74 -26.37
CA VAL B 97 2.29 -19.27 -26.50
C VAL B 97 2.79 -18.96 -27.90
N HIS B 98 1.90 -18.44 -28.74
CA HIS B 98 2.22 -18.11 -30.15
C HIS B 98 2.89 -19.32 -30.81
N GLY B 99 2.28 -20.49 -30.65
CA GLY B 99 2.75 -21.74 -31.24
C GLY B 99 3.95 -22.32 -30.51
N ILE B 100 4.51 -21.64 -29.51
CA ILE B 100 5.60 -22.25 -28.68
C ILE B 100 4.97 -23.10 -27.58
N HIS B 101 5.23 -24.39 -27.63
CA HIS B 101 4.70 -25.39 -26.69
C HIS B 101 5.67 -25.56 -25.54
N ILE B 102 5.30 -25.06 -24.36
CA ILE B 102 6.08 -25.29 -23.10
C ILE B 102 5.63 -26.62 -22.51
N ASP B 103 6.39 -27.67 -22.80
CA ASP B 103 6.07 -29.05 -22.36
C ASP B 103 6.63 -29.23 -20.95
N THR B 104 5.84 -28.93 -19.94
CA THR B 104 6.24 -28.85 -18.51
C THR B 104 6.38 -30.26 -17.94
N GLU B 105 7.22 -30.44 -16.91
CA GLU B 105 7.38 -31.71 -16.17
C GLU B 105 6.01 -32.33 -15.90
N TRP B 106 5.09 -31.52 -15.36
CA TRP B 106 3.76 -31.98 -14.91
C TRP B 106 2.75 -31.67 -16.00
N ARG B 107 1.84 -32.61 -16.23
CA ARG B 107 0.53 -32.32 -16.87
C ARG B 107 -0.40 -31.74 -15.80
N SER B 108 -0.27 -30.43 -15.54
CA SER B 108 -1.05 -29.75 -14.49
C SER B 108 -2.53 -29.69 -14.93
N ASP B 109 -2.78 -29.76 -16.24
CA ASP B 109 -4.15 -29.87 -16.78
C ASP B 109 -4.83 -31.14 -16.21
N TRP B 110 -4.11 -32.24 -16.03
CA TRP B 110 -4.72 -33.52 -15.57
C TRP B 110 -5.26 -33.34 -14.14
N LYS B 111 -4.50 -32.66 -13.26
CA LYS B 111 -4.94 -32.42 -11.87
C LYS B 111 -6.17 -31.51 -11.92
N TRP B 112 -6.15 -30.56 -12.84
CA TRP B 112 -7.23 -29.58 -12.99
C TRP B 112 -8.51 -30.32 -13.36
N ASP B 113 -8.45 -31.27 -14.29
CA ASP B 113 -9.59 -32.09 -14.75
C ASP B 113 -10.08 -32.97 -13.60
N ARG B 114 -9.20 -33.43 -12.71
CA ARG B 114 -9.66 -34.26 -11.55
C ARG B 114 -10.36 -33.38 -10.50
N VAL B 115 -9.94 -32.11 -10.38
CA VAL B 115 -10.45 -31.21 -9.33
C VAL B 115 -11.78 -30.61 -9.76
N LEU B 116 -11.88 -30.13 -10.99
CA LEU B 116 -12.95 -29.20 -11.43
C LEU B 116 -14.34 -29.78 -11.19
N PRO B 117 -14.61 -31.09 -11.42
CA PRO B 117 -15.98 -31.62 -11.24
C PRO B 117 -16.51 -31.51 -9.81
N HIS B 118 -15.65 -31.30 -8.82
CA HIS B 118 -16.05 -31.42 -7.39
C HIS B 118 -16.15 -30.06 -6.70
N ILE B 119 -15.80 -28.95 -7.38
CA ILE B 119 -15.73 -27.63 -6.71
C ILE B 119 -16.99 -26.81 -7.00
N SER B 120 -17.31 -25.93 -6.07
CA SER B 120 -18.34 -24.90 -6.27
C SER B 120 -17.89 -24.01 -7.42
N PRO B 121 -18.80 -23.61 -8.32
CA PRO B 121 -18.44 -22.76 -9.44
C PRO B 121 -17.63 -21.55 -8.97
N LEU B 122 -16.62 -21.16 -9.73
CA LEU B 122 -15.66 -20.08 -9.41
C LEU B 122 -16.14 -18.72 -9.93
N LYS B 123 -17.22 -18.66 -10.71
CA LYS B 123 -17.77 -17.40 -11.30
C LYS B 123 -17.86 -16.35 -10.18
N ASN B 124 -17.16 -15.23 -10.33
CA ASN B 124 -17.20 -14.07 -9.38
C ASN B 124 -16.52 -14.42 -8.02
N ARG B 125 -15.88 -15.58 -7.86
CA ARG B 125 -15.21 -15.95 -6.58
C ARG B 125 -13.84 -15.30 -6.56
N SER B 126 -13.41 -14.85 -5.39
CA SER B 126 -12.01 -14.52 -5.09
C SER B 126 -11.35 -15.82 -4.58
N VAL B 127 -10.14 -16.08 -5.06
CA VAL B 127 -9.47 -17.38 -4.82
C VAL B 127 -8.04 -17.15 -4.32
N LEU B 128 -7.60 -17.96 -3.35
CA LEU B 128 -6.19 -18.01 -2.91
C LEU B 128 -5.61 -19.35 -3.37
N ASP B 129 -4.54 -19.36 -4.15
CA ASP B 129 -3.87 -20.63 -4.54
C ASP B 129 -2.57 -20.69 -3.75
N VAL B 130 -2.53 -21.59 -2.77
CA VAL B 130 -1.42 -21.71 -1.80
C VAL B 130 -0.44 -22.72 -2.38
N GLY B 131 0.79 -22.28 -2.62
CA GLY B 131 1.78 -23.09 -3.33
C GLY B 131 1.38 -23.23 -4.78
N CYS B 132 1.20 -22.11 -5.46
CA CYS B 132 0.59 -22.07 -6.82
C CYS B 132 1.60 -22.44 -7.92
N GLY B 133 2.86 -22.68 -7.59
CA GLY B 133 3.89 -22.87 -8.63
C GLY B 133 3.97 -21.62 -9.52
N ASN B 134 4.04 -21.76 -10.84
CA ASN B 134 4.10 -20.57 -11.75
C ASN B 134 2.70 -19.99 -12.01
N GLY B 135 1.67 -20.48 -11.35
CA GLY B 135 0.31 -19.95 -11.45
C GLY B 135 -0.56 -20.60 -12.52
N TYR B 136 -0.17 -21.74 -13.06
CA TYR B 136 -0.92 -22.46 -14.13
C TYR B 136 -2.40 -22.52 -13.77
N HIS B 137 -2.71 -22.98 -12.55
CA HIS B 137 -4.11 -23.25 -12.13
C HIS B 137 -4.86 -21.94 -11.90
N MET B 138 -4.15 -20.86 -11.60
CA MET B 138 -4.79 -19.53 -11.44
C MET B 138 -5.34 -19.08 -12.81
N TRP B 139 -4.62 -19.35 -13.92
CA TRP B 139 -5.16 -19.03 -15.26
C TRP B 139 -6.43 -19.86 -15.52
N ARG B 140 -6.43 -21.12 -15.12
CA ARG B 140 -7.60 -22.02 -15.31
C ARG B 140 -8.74 -21.53 -14.41
N MET B 141 -8.42 -21.01 -13.22
CA MET B 141 -9.45 -20.44 -12.32
C MET B 141 -10.07 -19.20 -12.95
N LEU B 142 -9.26 -18.32 -13.56
CA LEU B 142 -9.84 -17.15 -14.29
C LEU B 142 -10.67 -17.65 -15.48
N GLY B 143 -10.22 -18.72 -16.15
CA GLY B 143 -10.97 -19.42 -17.21
C GLY B 143 -12.37 -19.78 -16.80
N GLU B 144 -12.59 -20.11 -15.52
CA GLU B 144 -13.89 -20.57 -14.96
C GLU B 144 -14.68 -19.39 -14.39
N GLY B 145 -14.20 -18.16 -14.62
CA GLY B 145 -14.93 -16.92 -14.27
C GLY B 145 -14.54 -16.33 -12.93
N ALA B 146 -13.50 -16.84 -12.24
CA ALA B 146 -12.97 -16.22 -11.00
C ALA B 146 -12.74 -14.72 -11.23
N ARG B 147 -13.07 -13.92 -10.23
CA ARG B 147 -12.95 -12.45 -10.23
C ARG B 147 -11.48 -12.08 -9.97
N LEU B 148 -10.83 -12.81 -9.05
CA LEU B 148 -9.49 -12.49 -8.47
C LEU B 148 -8.81 -13.80 -8.07
N CYS B 149 -7.56 -14.01 -8.48
CA CYS B 149 -6.71 -15.10 -8.01
C CYS B 149 -5.43 -14.51 -7.40
N VAL B 150 -5.18 -14.79 -6.13
CA VAL B 150 -3.89 -14.48 -5.48
C VAL B 150 -3.19 -15.81 -5.25
N GLY B 151 -2.00 -15.96 -5.82
CA GLY B 151 -1.11 -17.10 -5.57
C GLY B 151 -0.03 -16.74 -4.59
N ILE B 152 0.39 -17.68 -3.77
CA ILE B 152 1.61 -17.52 -2.94
C ILE B 152 2.49 -18.76 -3.13
N ASP B 153 3.74 -18.51 -3.48
CA ASP B 153 4.78 -19.54 -3.63
C ASP B 153 6.11 -18.83 -3.33
N PRO B 154 6.95 -19.36 -2.43
CA PRO B 154 8.24 -18.73 -2.17
C PRO B 154 9.34 -18.96 -3.21
N SER B 155 9.09 -19.51 -4.39
CA SER B 155 10.13 -19.72 -5.43
C SER B 155 10.33 -18.47 -6.30
N HIS B 156 11.55 -17.93 -6.36
CA HIS B 156 11.86 -16.73 -7.19
C HIS B 156 11.58 -17.05 -8.66
N LEU B 157 11.96 -18.24 -9.09
CA LEU B 157 11.82 -18.64 -10.51
C LEU B 157 10.33 -18.64 -10.89
N PHE B 158 9.45 -19.13 -10.01
CA PHE B 158 8.02 -19.32 -10.35
C PHE B 158 7.36 -17.94 -10.47
N LEU B 159 7.86 -16.93 -9.73
CA LEU B 159 7.36 -15.55 -9.90
C LEU B 159 7.72 -15.04 -11.30
N ILE B 160 8.93 -15.33 -11.77
CA ILE B 160 9.38 -14.91 -13.14
C ILE B 160 8.55 -15.64 -14.20
N GLN B 161 8.38 -16.96 -14.06
CA GLN B 161 7.53 -17.73 -15.02
C GLN B 161 6.13 -17.11 -15.06
N PHE B 162 5.55 -16.81 -13.89
CA PHE B 162 4.17 -16.27 -13.82
C PHE B 162 4.11 -14.94 -14.57
N GLU B 163 5.05 -14.04 -14.31
CA GLU B 163 5.11 -12.70 -14.91
C GLU B 163 5.38 -12.79 -16.41
N ALA B 164 6.11 -13.80 -16.86
CA ALA B 164 6.32 -14.00 -18.32
C ALA B 164 4.95 -14.28 -18.94
N ILE B 165 4.19 -15.25 -18.41
CA ILE B 165 2.87 -15.62 -18.97
C ILE B 165 1.95 -14.42 -18.86
N ARG B 166 1.97 -13.75 -17.69
CA ARG B 166 1.05 -12.62 -17.45
C ARG B 166 1.35 -11.51 -18.45
N LYS B 167 2.62 -11.26 -18.79
CA LYS B 167 2.98 -10.21 -19.78
C LYS B 167 2.43 -10.63 -21.15
N LEU B 168 2.58 -11.91 -21.51
CA LEU B 168 2.10 -12.44 -22.80
C LEU B 168 0.56 -12.44 -22.85
N MET B 169 -0.11 -12.45 -21.70
CA MET B 169 -1.59 -12.29 -21.58
C MET B 169 -1.99 -10.80 -21.71
N GLY B 170 -1.05 -9.88 -21.84
CA GLY B 170 -1.36 -8.43 -21.93
C GLY B 170 -1.36 -7.71 -20.59
N GLY B 171 -0.78 -8.30 -19.55
CA GLY B 171 -0.65 -7.68 -18.21
C GLY B 171 -1.92 -7.76 -17.38
N ASP B 172 -2.75 -8.78 -17.64
CA ASP B 172 -3.97 -9.16 -16.87
C ASP B 172 -3.74 -8.97 -15.36
N GLN B 173 -4.53 -8.10 -14.72
CA GLN B 173 -4.38 -7.70 -13.29
C GLN B 173 -5.24 -8.54 -12.33
N ARG B 174 -5.96 -9.54 -12.84
CA ARG B 174 -6.91 -10.39 -12.10
C ARG B 174 -6.19 -11.55 -11.42
N ALA B 175 -4.91 -11.79 -11.74
CA ALA B 175 -4.07 -12.78 -11.03
C ALA B 175 -2.74 -12.14 -10.64
N HIS B 176 -2.19 -12.60 -9.51
CA HIS B 176 -0.93 -12.11 -8.92
C HIS B 176 -0.26 -13.26 -8.20
N LEU B 177 1.07 -13.31 -8.28
CA LEU B 177 1.90 -14.24 -7.50
C LEU B 177 2.77 -13.45 -6.54
N LEU B 178 2.62 -13.70 -5.24
CA LEU B 178 3.39 -13.09 -4.14
C LEU B 178 4.40 -14.11 -3.64
N PRO B 179 5.69 -13.70 -3.55
CA PRO B 179 6.75 -14.61 -3.12
C PRO B 179 6.78 -14.88 -1.61
N LEU B 180 5.70 -15.42 -1.05
CA LEU B 180 5.49 -15.68 0.40
C LEU B 180 5.22 -17.16 0.65
N GLY B 181 5.45 -17.60 1.88
CA GLY B 181 4.91 -18.87 2.41
C GLY B 181 3.58 -18.60 3.09
N ILE B 182 2.70 -19.58 3.14
CA ILE B 182 1.36 -19.48 3.79
C ILE B 182 1.48 -19.04 5.26
N GLU B 183 2.57 -19.38 5.95
CA GLU B 183 2.85 -18.99 7.37
C GLU B 183 3.03 -17.49 7.51
N GLN B 184 3.29 -16.76 6.43
CA GLN B 184 3.47 -15.29 6.47
C GLN B 184 2.13 -14.55 6.34
N LEU B 185 1.05 -15.22 6.00
CA LEU B 185 -0.26 -14.50 5.86
C LEU B 185 -0.86 -14.27 7.23
N PRO B 186 -1.46 -13.09 7.46
CA PRO B 186 -2.30 -12.90 8.65
C PRO B 186 -3.68 -13.55 8.37
N LYS B 187 -4.52 -13.58 9.39
CA LYS B 187 -5.90 -14.10 9.31
C LYS B 187 -6.73 -13.09 8.51
N LEU B 188 -6.92 -13.29 7.21
CA LEU B 188 -7.60 -12.31 6.32
C LEU B 188 -9.09 -12.62 6.20
N GLU B 189 -9.46 -13.90 6.18
CA GLU B 189 -10.88 -14.34 6.01
C GLU B 189 -11.49 -13.56 4.84
N ALA B 190 -10.82 -13.56 3.69
CA ALA B 190 -11.14 -12.69 2.54
C ALA B 190 -11.52 -13.49 1.29
N PHE B 191 -11.31 -14.78 1.28
CA PHE B 191 -11.41 -15.57 0.02
C PHE B 191 -12.62 -16.51 0.05
N ASP B 192 -13.33 -16.59 -1.10
CA ASP B 192 -14.47 -17.52 -1.30
C ASP B 192 -13.96 -18.95 -1.41
N THR B 193 -12.89 -19.16 -2.19
CA THR B 193 -12.23 -20.48 -2.33
C THR B 193 -10.73 -20.38 -2.03
N VAL B 194 -10.19 -21.42 -1.40
CA VAL B 194 -8.74 -21.59 -1.16
C VAL B 194 -8.33 -22.95 -1.71
N PHE B 195 -7.31 -22.99 -2.53
CA PHE B 195 -6.63 -24.21 -2.99
C PHE B 195 -5.31 -24.36 -2.22
N SER B 196 -5.05 -25.55 -1.68
CA SER B 196 -3.73 -25.99 -1.20
C SER B 196 -3.48 -27.35 -1.86
N MET B 197 -2.73 -27.35 -2.96
CA MET B 197 -2.45 -28.58 -3.72
C MET B 197 -0.94 -28.78 -3.71
N GLY B 198 -0.48 -29.86 -3.05
CA GLY B 198 0.94 -30.24 -3.05
C GLY B 198 1.73 -29.51 -2.00
N VAL B 199 1.10 -28.95 -0.95
CA VAL B 199 1.84 -28.20 0.10
C VAL B 199 1.92 -28.93 1.44
N LEU B 200 0.90 -29.69 1.82
CA LEU B 200 0.71 -30.15 3.23
C LEU B 200 1.90 -31.01 3.67
N TYR B 201 2.39 -31.92 2.82
CA TYR B 201 3.51 -32.83 3.16
C TYR B 201 4.80 -32.03 3.39
N HIS B 202 4.91 -30.78 2.92
CA HIS B 202 6.12 -29.92 3.08
C HIS B 202 6.08 -29.18 4.43
N ARG B 203 4.98 -29.24 5.17
CA ARG B 203 4.75 -28.40 6.36
C ARG B 203 4.95 -29.26 7.62
N ARG B 204 5.81 -28.84 8.52
CA ARG B 204 6.14 -29.59 9.75
C ARG B 204 4.88 -29.80 10.62
N SER B 205 4.01 -28.80 10.68
CA SER B 205 2.74 -28.80 11.45
C SER B 205 1.56 -28.88 10.48
N PRO B 206 1.05 -30.10 10.19
CA PRO B 206 -0.05 -30.24 9.26
C PRO B 206 -1.34 -29.57 9.74
N LEU B 207 -1.66 -29.64 11.04
CA LEU B 207 -2.94 -29.07 11.56
C LEU B 207 -2.85 -27.53 11.57
N ASP B 208 -1.66 -26.96 11.75
CA ASP B 208 -1.44 -25.49 11.60
C ASP B 208 -1.65 -25.08 10.15
N HIS B 209 -1.22 -25.92 9.21
CA HIS B 209 -1.43 -25.64 7.78
C HIS B 209 -2.93 -25.56 7.53
N LEU B 210 -3.67 -26.53 8.04
CA LEU B 210 -5.15 -26.58 7.77
C LEU B 210 -5.82 -25.35 8.41
N ILE B 211 -5.37 -24.92 9.59
CA ILE B 211 -5.97 -23.72 10.28
C ILE B 211 -5.60 -22.46 9.48
N GLN B 212 -4.38 -22.37 8.96
CA GLN B 212 -3.89 -21.22 8.17
C GLN B 212 -4.78 -21.04 6.93
N LEU B 213 -5.20 -22.15 6.33
CA LEU B 213 -6.09 -22.19 5.13
C LEU B 213 -7.48 -21.70 5.55
N LYS B 214 -7.96 -22.25 6.67
CA LYS B 214 -9.29 -21.90 7.21
C LYS B 214 -9.29 -20.39 7.45
N ASP B 215 -8.17 -19.83 7.92
CA ASP B 215 -8.08 -18.41 8.31
C ASP B 215 -8.11 -17.46 7.09
N GLN B 216 -7.97 -17.96 5.86
CA GLN B 216 -8.05 -17.12 4.63
C GLN B 216 -9.46 -17.16 4.01
N LEU B 217 -10.36 -17.98 4.55
CA LEU B 217 -11.71 -18.20 3.97
C LEU B 217 -12.73 -17.30 4.65
N VAL B 218 -13.59 -16.66 3.84
CA VAL B 218 -14.87 -16.09 4.33
C VAL B 218 -15.71 -17.21 4.98
N SER B 219 -16.64 -16.85 5.81
CA SER B 219 -17.63 -17.77 6.41
C SER B 219 -18.31 -18.55 5.26
N GLY B 220 -18.44 -19.87 5.41
CA GLY B 220 -19.01 -20.77 4.39
C GLY B 220 -18.12 -20.93 3.15
N GLY B 221 -16.87 -20.48 3.21
CA GLY B 221 -15.94 -20.60 2.07
C GLY B 221 -15.52 -22.04 1.87
N GLU B 222 -14.99 -22.34 0.70
CA GLU B 222 -14.63 -23.71 0.26
C GLU B 222 -13.11 -23.87 0.21
N LEU B 223 -12.62 -24.96 0.80
CA LEU B 223 -11.22 -25.43 0.72
C LEU B 223 -11.13 -26.59 -0.26
N ILE B 224 -10.15 -26.55 -1.18
CA ILE B 224 -9.71 -27.71 -2.00
C ILE B 224 -8.33 -28.08 -1.51
N LEU B 225 -8.20 -29.22 -0.85
CA LEU B 225 -6.92 -29.71 -0.33
C LEU B 225 -6.49 -30.92 -1.18
N GLU B 226 -5.29 -30.85 -1.72
CA GLU B 226 -4.67 -31.95 -2.52
C GLU B 226 -3.27 -32.20 -1.96
N THR B 227 -2.94 -33.46 -1.80
CA THR B 227 -1.69 -33.83 -1.11
C THR B 227 -1.41 -35.31 -1.37
N LEU B 228 -0.19 -35.71 -1.07
CA LEU B 228 0.27 -37.09 -1.16
C LEU B 228 -0.24 -37.82 0.06
N VAL B 229 -0.84 -38.97 -0.19
CA VAL B 229 -1.45 -39.83 0.85
C VAL B 229 -0.87 -41.22 0.73
N ILE B 230 -1.18 -42.04 1.73
CA ILE B 230 -1.02 -43.51 1.67
C ILE B 230 -2.42 -44.12 1.72
N GLU B 231 -2.51 -45.41 1.44
CA GLU B 231 -3.77 -46.17 1.64
C GLU B 231 -3.93 -46.43 3.13
N GLY B 232 -5.17 -46.53 3.59
CA GLY B 232 -5.50 -47.05 4.92
C GLY B 232 -6.67 -46.33 5.55
N ASP B 233 -6.94 -46.66 6.81
CA ASP B 233 -8.10 -46.12 7.55
C ASP B 233 -7.69 -44.80 8.25
N GLU B 234 -8.46 -44.40 9.26
CA GLU B 234 -8.35 -43.05 9.89
C GLU B 234 -7.07 -42.95 10.73
N THR B 235 -6.35 -44.05 10.93
CA THR B 235 -5.13 -44.14 11.78
C THR B 235 -3.91 -44.56 10.94
N ALA B 236 -4.00 -44.47 9.62
CA ALA B 236 -2.89 -44.69 8.66
C ALA B 236 -2.21 -43.35 8.34
N VAL B 237 -1.00 -43.14 8.86
CA VAL B 237 -0.22 -41.88 8.70
C VAL B 237 1.26 -42.22 8.56
N LEU B 238 1.82 -42.11 7.35
CA LEU B 238 3.27 -42.28 7.09
C LEU B 238 3.97 -40.97 7.40
N VAL B 239 5.04 -41.05 8.21
CA VAL B 239 6.05 -39.98 8.43
C VAL B 239 7.38 -40.67 8.16
N PRO B 240 8.04 -40.33 7.05
CA PRO B 240 9.24 -41.07 6.65
C PRO B 240 10.45 -40.67 7.51
N LYS B 241 11.23 -41.66 7.97
CA LYS B 241 12.60 -41.46 8.53
C LYS B 241 13.48 -40.82 7.44
N GLU B 242 13.35 -41.31 6.20
CA GLU B 242 14.25 -40.98 5.07
C GLU B 242 13.73 -39.77 4.26
N ARG B 243 14.11 -39.72 3.00
CA ARG B 243 13.43 -38.91 1.96
C ARG B 243 12.22 -39.71 1.50
N TYR B 244 11.21 -39.06 0.92
CA TYR B 244 10.11 -39.74 0.19
C TYR B 244 10.17 -39.31 -1.28
N ALA B 245 10.43 -40.26 -2.17
CA ALA B 245 10.56 -40.03 -3.63
C ALA B 245 11.57 -38.92 -3.84
N GLN B 246 12.68 -39.03 -3.13
CA GLN B 246 13.86 -38.12 -3.22
C GLN B 246 13.59 -36.76 -2.59
N MET B 247 12.39 -36.45 -2.07
CA MET B 247 12.12 -35.13 -1.46
C MET B 247 12.73 -35.09 -0.05
N ARG B 248 13.46 -34.00 0.23
CA ARG B 248 14.00 -33.66 1.58
C ARG B 248 12.93 -32.80 2.25
N ASN B 249 12.91 -32.81 3.59
CA ASN B 249 12.12 -31.86 4.41
C ASN B 249 10.64 -32.04 4.09
N VAL B 250 10.20 -33.28 4.24
CA VAL B 250 8.77 -33.64 4.17
C VAL B 250 8.42 -34.34 5.46
N TYR B 251 7.14 -34.39 5.78
CA TYR B 251 6.63 -34.70 7.13
C TYR B 251 5.47 -35.69 7.05
N PHE B 252 4.23 -35.21 6.89
CA PHE B 252 3.02 -36.05 7.09
C PHE B 252 2.38 -36.44 5.75
N PHE B 253 2.22 -37.76 5.59
CA PHE B 253 1.50 -38.46 4.50
C PHE B 253 0.40 -39.29 5.15
N PRO B 254 -0.72 -38.64 5.54
CA PRO B 254 -1.83 -39.35 6.14
C PRO B 254 -2.53 -40.11 5.01
N SER B 255 -3.40 -41.05 5.35
CA SER B 255 -4.43 -41.58 4.41
C SER B 255 -5.44 -40.46 4.12
N ALA B 256 -6.14 -40.53 3.00
CA ALA B 256 -7.27 -39.63 2.72
C ALA B 256 -8.27 -39.71 3.88
N ARG B 257 -8.52 -40.90 4.43
CA ARG B 257 -9.52 -41.05 5.53
C ARG B 257 -9.01 -40.35 6.80
N ALA B 258 -7.72 -40.46 7.10
CA ALA B 258 -7.12 -39.75 8.25
C ALA B 258 -7.25 -38.23 8.04
N LEU B 259 -6.88 -37.76 6.86
CA LEU B 259 -6.89 -36.32 6.50
C LEU B 259 -8.30 -35.77 6.67
N LYS B 260 -9.32 -36.54 6.35
CA LYS B 260 -10.74 -36.09 6.54
C LYS B 260 -10.97 -35.83 8.03
N VAL B 261 -10.52 -36.73 8.91
CA VAL B 261 -10.68 -36.57 10.38
C VAL B 261 -9.93 -35.30 10.78
N TRP B 262 -8.69 -35.14 10.33
CA TRP B 262 -7.83 -33.95 10.62
C TRP B 262 -8.58 -32.66 10.30
N LEU B 263 -9.22 -32.59 9.12
CA LEU B 263 -9.94 -31.37 8.69
C LEU B 263 -11.13 -31.16 9.62
N GLU B 264 -11.78 -32.25 10.05
CA GLU B 264 -12.95 -32.18 10.98
C GLU B 264 -12.45 -31.68 12.34
N LEU B 265 -11.30 -32.16 12.82
CA LEU B 265 -10.82 -31.81 14.17
C LEU B 265 -10.63 -30.29 14.27
N VAL B 266 -10.02 -29.68 13.25
CA VAL B 266 -9.66 -28.24 13.24
C VAL B 266 -10.89 -27.39 12.87
N GLY B 267 -12.01 -28.03 12.46
CA GLY B 267 -13.34 -27.39 12.45
C GLY B 267 -13.93 -27.15 11.07
N PHE B 268 -13.40 -27.78 10.01
CA PHE B 268 -14.07 -27.85 8.69
C PHE B 268 -15.31 -28.77 8.76
N GLU B 269 -16.30 -28.47 7.93
CA GLU B 269 -17.52 -29.30 7.75
C GLU B 269 -17.62 -29.80 6.30
N ASP B 270 -18.53 -30.77 6.10
CA ASP B 270 -18.93 -31.39 4.81
C ASP B 270 -17.65 -31.82 4.13
N VAL B 271 -16.80 -32.54 4.84
CA VAL B 271 -15.48 -32.92 4.29
C VAL B 271 -15.73 -34.13 3.41
N ARG B 272 -15.32 -34.05 2.13
CA ARG B 272 -15.51 -35.13 1.14
C ARG B 272 -14.17 -35.54 0.53
N ILE B 273 -13.86 -36.83 0.55
CA ILE B 273 -12.76 -37.42 -0.25
C ILE B 273 -13.29 -37.62 -1.67
N VAL B 274 -12.85 -36.84 -2.65
CA VAL B 274 -13.50 -36.84 -3.99
C VAL B 274 -12.66 -37.59 -5.03
N ASP B 275 -11.37 -37.82 -4.80
CA ASP B 275 -10.50 -38.50 -5.77
C ASP B 275 -9.20 -38.96 -5.10
N GLU B 276 -8.72 -40.14 -5.49
CA GLU B 276 -7.34 -40.65 -5.25
C GLU B 276 -6.77 -41.06 -6.60
N ASN B 277 -5.54 -40.65 -6.89
CA ASN B 277 -4.87 -40.96 -8.16
C ASN B 277 -3.43 -41.39 -7.88
N VAL B 278 -3.05 -42.58 -8.35
CA VAL B 278 -1.63 -43.06 -8.35
C VAL B 278 -0.90 -42.36 -9.49
N THR B 279 0.10 -41.53 -9.19
CA THR B 279 0.71 -40.64 -10.21
C THR B 279 1.44 -41.48 -11.26
N SER B 280 1.03 -41.43 -12.53
CA SER B 280 1.77 -42.17 -13.58
C SER B 280 2.94 -41.33 -14.06
N VAL B 281 3.92 -41.99 -14.68
CA VAL B 281 5.09 -41.31 -15.32
C VAL B 281 4.64 -40.56 -16.58
N ASP B 282 3.36 -40.62 -16.98
CA ASP B 282 2.83 -39.75 -18.08
C ASP B 282 2.32 -38.42 -17.50
N GLU B 283 1.97 -38.36 -16.21
CA GLU B 283 1.55 -37.12 -15.53
C GLU B 283 2.78 -36.26 -15.15
N GLN B 284 3.87 -36.91 -14.74
CA GLN B 284 5.10 -36.21 -14.28
C GLN B 284 6.33 -36.94 -14.84
N ARG B 285 7.11 -36.25 -15.68
CA ARG B 285 8.31 -36.85 -16.30
C ARG B 285 9.26 -35.75 -16.73
N THR B 286 10.52 -36.12 -16.99
CA THR B 286 11.52 -35.25 -17.64
C THR B 286 10.99 -34.87 -19.02
N THR B 287 11.15 -33.60 -19.43
CA THR B 287 10.89 -33.10 -20.79
C THR B 287 12.05 -32.22 -21.26
N ASN B 288 11.94 -31.68 -22.48
CA ASN B 288 12.88 -30.71 -23.08
C ASN B 288 12.81 -29.33 -22.41
N TRP B 289 11.76 -29.05 -21.64
CA TRP B 289 11.67 -27.76 -20.90
C TRP B 289 11.91 -27.99 -19.41
N MET B 290 12.18 -29.23 -18.99
CA MET B 290 12.50 -29.58 -17.60
C MET B 290 13.36 -30.84 -17.62
N THR B 291 14.67 -30.63 -17.77
CA THR B 291 15.68 -31.65 -18.18
C THR B 291 16.24 -32.35 -16.95
N HIS B 292 15.88 -31.92 -15.75
CA HIS B 292 16.31 -32.57 -14.49
C HIS B 292 15.57 -33.89 -14.35
N ASN B 293 15.97 -34.68 -13.35
CA ASN B 293 15.31 -35.91 -12.87
C ASN B 293 13.84 -35.62 -12.51
N SER B 294 13.00 -36.64 -12.57
CA SER B 294 11.54 -36.56 -12.33
C SER B 294 11.04 -37.92 -11.83
N LEU B 295 9.72 -38.11 -11.81
CA LEU B 295 9.10 -39.25 -11.09
C LEU B 295 9.74 -40.59 -11.44
N PRO B 296 10.03 -40.92 -12.73
CA PRO B 296 10.65 -42.21 -13.06
C PRO B 296 11.94 -42.54 -12.28
N ASP B 297 12.75 -41.50 -12.02
CA ASP B 297 14.02 -41.60 -11.25
C ASP B 297 13.71 -41.76 -9.75
N TYR B 298 12.50 -41.45 -9.28
CA TYR B 298 12.16 -41.40 -7.84
C TYR B 298 11.52 -42.72 -7.43
N LEU B 299 11.17 -43.54 -8.41
CA LEU B 299 10.47 -44.83 -8.19
C LEU B 299 11.54 -45.93 -8.09
N ASP B 300 11.28 -47.01 -7.33
CA ASP B 300 12.10 -48.25 -7.37
C ASP B 300 12.24 -48.69 -8.83
N GLN B 301 13.46 -48.81 -9.33
CA GLN B 301 13.72 -49.12 -10.77
C GLN B 301 13.24 -50.55 -11.09
N ASN B 302 12.96 -51.39 -10.08
CA ASN B 302 12.39 -52.75 -10.26
C ASN B 302 10.89 -52.83 -9.91
N ASP B 303 10.32 -51.81 -9.28
CA ASP B 303 8.93 -51.88 -8.77
C ASP B 303 8.32 -50.48 -8.72
N PRO B 304 7.51 -50.09 -9.73
CA PRO B 304 6.95 -48.74 -9.78
C PRO B 304 5.86 -48.48 -8.72
N SER B 305 5.45 -49.50 -7.94
CA SER B 305 4.53 -49.33 -6.79
C SER B 305 5.29 -48.81 -5.54
N LYS B 306 6.60 -48.60 -5.62
CA LYS B 306 7.41 -48.10 -4.48
C LYS B 306 8.31 -46.96 -4.93
N THR B 307 8.61 -46.06 -3.99
CA THR B 307 9.65 -45.01 -4.16
C THR B 307 11.01 -45.69 -4.11
N VAL B 308 12.04 -45.02 -4.56
CA VAL B 308 13.43 -45.55 -4.48
C VAL B 308 13.75 -45.99 -3.04
N GLU B 309 13.20 -45.33 -2.02
CA GLU B 309 13.49 -45.58 -0.57
C GLU B 309 12.71 -46.79 -0.04
N GLY B 310 11.72 -47.30 -0.79
CA GLY B 310 10.90 -48.47 -0.39
C GLY B 310 9.50 -48.14 0.14
N TYR B 311 9.08 -46.85 0.19
CA TYR B 311 7.72 -46.47 0.68
C TYR B 311 6.76 -46.68 -0.48
N PRO B 312 5.42 -46.75 -0.23
CA PRO B 312 4.45 -46.77 -1.31
C PRO B 312 4.67 -45.57 -2.23
N ALA B 313 4.45 -45.78 -3.51
CA ALA B 313 4.75 -44.80 -4.58
C ALA B 313 3.73 -43.67 -4.48
N PRO B 314 4.04 -42.49 -5.08
CA PRO B 314 3.18 -41.32 -4.97
C PRO B 314 1.71 -41.58 -5.35
N ARG B 315 0.84 -41.18 -4.44
CA ARG B 315 -0.64 -41.27 -4.54
C ARG B 315 -1.20 -39.93 -4.08
N ARG B 316 -1.91 -39.21 -4.95
CA ARG B 316 -2.46 -37.88 -4.64
C ARG B 316 -3.96 -37.99 -4.37
N ALA B 317 -4.44 -37.36 -3.29
CA ALA B 317 -5.86 -37.31 -2.93
C ALA B 317 -6.35 -35.88 -2.97
N ILE B 318 -7.60 -35.72 -3.40
CA ILE B 318 -8.34 -34.43 -3.38
C ILE B 318 -9.47 -34.57 -2.36
N LEU B 319 -9.50 -33.65 -1.39
CA LEU B 319 -10.59 -33.44 -0.42
C LEU B 319 -11.12 -32.03 -0.64
N VAL B 320 -12.44 -31.88 -0.48
CA VAL B 320 -13.16 -30.57 -0.54
C VAL B 320 -13.86 -30.41 0.79
N ALA B 321 -13.84 -29.20 1.35
CA ALA B 321 -14.48 -28.90 2.66
C ALA B 321 -14.99 -27.45 2.68
N LYS B 322 -15.89 -27.16 3.63
CA LYS B 322 -16.49 -25.83 3.85
C LYS B 322 -16.03 -25.36 5.23
N LYS B 323 -15.67 -24.08 5.30
CA LYS B 323 -15.53 -23.38 6.60
C LYS B 323 -16.94 -23.15 7.15
N PRO B 324 -17.16 -23.35 8.48
CA PRO B 324 -18.46 -23.07 9.09
C PRO B 324 -19.08 -21.73 8.69
N GLY B 325 -20.40 -21.70 8.74
CA GLY B 325 -21.20 -20.52 8.45
C GLY B 325 -21.83 -20.61 7.09
N HIS B 326 -22.77 -19.71 6.84
CA HIS B 326 -23.38 -19.46 5.52
C HIS B 326 -22.44 -18.59 4.69
N HIS B 327 -22.34 -18.89 3.40
CA HIS B 327 -21.49 -18.20 2.40
C HIS B 327 -22.30 -17.06 1.76
N HIS B 328 -22.03 -15.81 2.13
CA HIS B 328 -22.59 -14.56 1.51
C HIS B 328 -21.66 -14.05 0.38
#